data_2PXJ
#
_entry.id   2PXJ
#
_cell.length_a   100.863
_cell.length_b   150.172
_cell.length_c   57.317
_cell.angle_alpha   90.00
_cell.angle_beta   90.00
_cell.angle_gamma   90.00
#
_symmetry.space_group_name_H-M   'P 21 21 2'
#
loop_
_entity.id
_entity.type
_entity.pdbx_description
1 polymer 'JmjC domain-containing histone demethylation protein 3A'
2 polymer 'monomethylated Histone H3K36 peptide'
3 non-polymer 'ZINC ION'
4 non-polymer 'FE (II) ION'
5 non-polymer N-OXALYLGLYCINE
6 water water
#
loop_
_entity_poly.entity_id
_entity_poly.type
_entity_poly.pdbx_seq_one_letter_code
_entity_poly.pdbx_strand_id
1 'polypeptide(L)'
;ASESETLNPSARIMTFYPTMEEFRNFSRYIAYIESQGAHRAGLAKVVPPKEWKPRASYDDIDDLVIPAPIQQLVTGQSGL
FTQYNIQKKAMTVREFRKIANSDKYCTPRYSEFEELERKYWKNLTFNPPIYGADVNGTLYEKHVDEWNIGRLRTILDLVE
KESGITIEGVNTPYLYFGMWKTSFAWHTEDMDLYSINYLHFGEPKSWYSVPPEHGKRLERLAKGFFPGSAQSCEAFLRHK
MTLISPLMLKKYGIPFDKVTQEAGEFMITFPYGYHAGFNHGFNCAESTNFATRRWIEYGKQAVLCSCRKDMVKISMDVFV
RKFQPERYKLWKAGKDNTVIDHTLPTP
;
A,B
2 'polypeptide(L)' RKSAPATGGV(MLZ)KPHRYRPGTVL I,J
#
# COMPACT_ATOMS: atom_id res chain seq x y z
N ALA A 1 -7.51 -41.40 21.41
CA ALA A 1 -8.52 -41.88 20.42
C ALA A 1 -9.75 -42.44 21.13
N SER A 2 -10.58 -41.55 21.68
CA SER A 2 -11.77 -42.02 22.37
C SER A 2 -13.04 -41.72 21.59
N GLU A 3 -13.10 -42.24 20.37
CA GLU A 3 -14.26 -42.06 19.52
C GLU A 3 -14.37 -40.64 18.99
N SER A 4 -13.72 -39.71 19.69
CA SER A 4 -13.73 -38.31 19.28
C SER A 4 -12.65 -38.12 18.22
N GLU A 5 -11.59 -38.88 18.39
CA GLU A 5 -10.45 -38.81 17.50
C GLU A 5 -10.59 -39.80 16.34
N THR A 6 -11.54 -40.73 16.45
CA THR A 6 -11.76 -41.71 15.40
C THR A 6 -12.69 -41.17 14.30
N LEU A 7 -13.23 -39.96 14.52
CA LEU A 7 -14.11 -39.31 13.54
C LEU A 7 -13.30 -38.25 12.77
N ASN A 8 -13.38 -38.30 11.44
CA ASN A 8 -12.64 -37.40 10.56
C ASN A 8 -11.17 -37.34 11.01
N PRO A 9 -10.51 -38.52 11.10
CA PRO A 9 -9.10 -38.61 11.51
C PRO A 9 -8.14 -37.77 10.68
N SER A 10 -8.35 -37.74 9.37
CA SER A 10 -7.48 -36.97 8.49
C SER A 10 -7.75 -35.47 8.60
N ALA A 11 -8.73 -35.11 9.42
CA ALA A 11 -9.05 -33.70 9.62
C ALA A 11 -9.20 -32.98 8.29
N ARG A 12 -9.91 -33.59 7.36
CA ARG A 12 -10.12 -32.99 6.05
C ARG A 12 -11.41 -32.21 5.90
N ILE A 13 -11.43 -31.26 4.97
CA ILE A 13 -12.60 -30.43 4.75
C ILE A 13 -13.79 -31.26 4.25
N MET A 14 -14.84 -31.34 5.08
CA MET A 14 -16.03 -32.10 4.73
C MET A 14 -17.13 -31.21 4.14
N THR A 15 -17.98 -31.80 3.30
CA THR A 15 -19.08 -31.09 2.67
C THR A 15 -20.40 -31.77 3.05
N PHE A 16 -21.38 -30.97 3.48
CA PHE A 16 -22.67 -31.52 3.90
C PHE A 16 -23.83 -31.02 3.04
N TYR A 17 -24.81 -31.90 2.84
CA TYR A 17 -26.00 -31.58 2.04
C TYR A 17 -27.23 -31.85 2.89
N PRO A 18 -27.59 -30.88 3.74
CA PRO A 18 -28.76 -30.99 4.63
C PRO A 18 -30.13 -30.84 3.98
N THR A 19 -31.06 -31.67 4.45
CA THR A 19 -32.44 -31.63 3.97
C THR A 19 -33.03 -30.35 4.55
N MET A 20 -34.14 -29.89 3.98
CA MET A 20 -34.75 -28.69 4.50
C MET A 20 -35.07 -28.84 5.99
N GLU A 21 -35.29 -30.07 6.44
CA GLU A 21 -35.61 -30.29 7.85
C GLU A 21 -34.44 -30.03 8.77
N GLU A 22 -33.26 -30.48 8.35
CA GLU A 22 -32.05 -30.29 9.13
C GLU A 22 -31.60 -28.85 9.02
N PHE A 23 -31.74 -28.32 7.81
CA PHE A 23 -31.34 -26.97 7.52
C PHE A 23 -32.08 -25.93 8.38
N ARG A 24 -33.29 -26.26 8.83
CA ARG A 24 -34.09 -25.33 9.62
C ARG A 24 -33.52 -24.88 10.98
N ASN A 25 -32.90 -25.79 11.71
CA ASN A 25 -32.35 -25.44 13.01
C ASN A 25 -30.84 -25.23 12.94
N PHE A 26 -30.42 -23.98 12.79
CA PHE A 26 -29.00 -23.68 12.66
C PHE A 26 -28.07 -24.26 13.72
N SER A 27 -28.28 -23.90 14.97
CA SER A 27 -27.41 -24.39 16.04
C SER A 27 -27.39 -25.91 16.11
N ARG A 28 -28.51 -26.55 15.78
CA ARG A 28 -28.57 -28.01 15.82
C ARG A 28 -27.70 -28.62 14.72
N TYR A 29 -27.81 -28.08 13.51
CA TYR A 29 -27.02 -28.62 12.42
C TYR A 29 -25.52 -28.46 12.65
N ILE A 30 -25.12 -27.36 13.29
CA ILE A 30 -23.71 -27.14 13.58
C ILE A 30 -23.21 -28.23 14.53
N ALA A 31 -23.99 -28.49 15.58
CA ALA A 31 -23.62 -29.52 16.53
C ALA A 31 -23.54 -30.85 15.81
N TYR A 32 -24.39 -31.05 14.81
CA TYR A 32 -24.39 -32.28 14.04
C TYR A 32 -23.11 -32.47 13.20
N ILE A 33 -22.78 -31.48 12.37
CA ILE A 33 -21.58 -31.60 11.56
C ILE A 33 -20.37 -31.79 12.46
N GLU A 34 -20.39 -31.20 13.64
CA GLU A 34 -19.26 -31.40 14.55
C GLU A 34 -19.29 -32.84 15.06
N SER A 35 -20.48 -33.43 15.18
CA SER A 35 -20.56 -34.80 15.67
C SER A 35 -19.90 -35.70 14.61
N GLN A 36 -19.83 -35.20 13.39
CA GLN A 36 -19.23 -35.92 12.28
C GLN A 36 -17.75 -35.55 12.11
N GLY A 37 -17.23 -34.74 13.04
CA GLY A 37 -15.83 -34.33 12.98
C GLY A 37 -15.47 -33.23 11.98
N ALA A 38 -16.45 -32.47 11.52
CA ALA A 38 -16.20 -31.41 10.56
C ALA A 38 -15.24 -30.35 11.12
N HIS A 39 -15.34 -30.07 12.41
CA HIS A 39 -14.50 -29.07 13.04
C HIS A 39 -13.01 -29.36 13.01
N ARG A 40 -12.62 -30.62 12.87
CA ARG A 40 -11.21 -31.00 12.85
C ARG A 40 -10.43 -30.30 11.75
N ALA A 41 -11.08 -30.09 10.61
CA ALA A 41 -10.45 -29.45 9.46
C ALA A 41 -10.38 -27.92 9.60
N GLY A 42 -11.19 -27.38 10.51
CA GLY A 42 -11.22 -25.95 10.73
C GLY A 42 -12.13 -25.25 9.74
N LEU A 43 -12.54 -25.98 8.71
CA LEU A 43 -13.39 -25.43 7.67
C LEU A 43 -14.36 -26.50 7.16
N ALA A 44 -15.60 -26.13 6.91
CA ALA A 44 -16.58 -27.07 6.38
C ALA A 44 -17.46 -26.36 5.36
N LYS A 45 -17.97 -27.10 4.38
CA LYS A 45 -18.85 -26.53 3.37
C LYS A 45 -20.25 -27.06 3.59
N VAL A 46 -21.25 -26.21 3.42
CA VAL A 46 -22.63 -26.65 3.59
C VAL A 46 -23.49 -26.19 2.42
N VAL A 47 -23.90 -27.13 1.58
CA VAL A 47 -24.75 -26.80 0.43
C VAL A 47 -26.20 -26.89 0.93
N PRO A 48 -26.92 -25.76 0.89
CA PRO A 48 -28.31 -25.70 1.34
C PRO A 48 -29.27 -26.40 0.40
N PRO A 49 -30.39 -26.93 0.94
CA PRO A 49 -31.34 -27.62 0.07
C PRO A 49 -31.66 -26.76 -1.15
N LYS A 50 -31.53 -27.35 -2.33
CA LYS A 50 -31.74 -26.66 -3.60
C LYS A 50 -32.91 -25.68 -3.75
N GLU A 51 -34.01 -25.88 -3.05
CA GLU A 51 -35.14 -24.96 -3.19
C GLU A 51 -35.08 -23.78 -2.21
N TRP A 52 -33.98 -23.71 -1.46
CA TRP A 52 -33.80 -22.63 -0.51
C TRP A 52 -33.11 -21.44 -1.17
N LYS A 53 -33.61 -20.24 -0.91
CA LYS A 53 -33.05 -19.01 -1.44
C LYS A 53 -33.30 -17.89 -0.43
N PRO A 54 -32.30 -17.02 -0.21
CA PRO A 54 -32.48 -15.92 0.75
C PRO A 54 -32.86 -14.60 0.08
N ARG A 55 -32.95 -14.63 -1.25
CA ARG A 55 -33.29 -13.45 -2.03
C ARG A 55 -33.83 -13.83 -3.41
N ALA A 56 -34.76 -13.01 -3.89
CA ALA A 56 -35.39 -13.22 -5.20
C ALA A 56 -34.35 -13.09 -6.31
N SER A 57 -33.72 -11.91 -6.37
CA SER A 57 -32.71 -11.63 -7.38
C SER A 57 -31.87 -10.44 -6.94
N TYR A 58 -30.71 -10.29 -7.56
CA TYR A 58 -29.81 -9.20 -7.21
C TYR A 58 -29.63 -8.17 -8.33
N ASP A 59 -30.70 -7.77 -8.99
CA ASP A 59 -30.53 -6.80 -10.07
C ASP A 59 -30.71 -5.39 -9.53
N ASP A 60 -31.11 -5.36 -8.27
CA ASP A 60 -31.36 -4.13 -7.56
C ASP A 60 -30.14 -3.54 -6.86
N ILE A 61 -29.18 -4.41 -6.52
CA ILE A 61 -27.99 -3.97 -5.79
C ILE A 61 -26.96 -3.20 -6.59
N ASP A 62 -27.24 -2.96 -7.86
CA ASP A 62 -26.27 -2.23 -8.68
C ASP A 62 -26.04 -0.83 -8.12
N ASP A 63 -26.98 -0.37 -7.29
CA ASP A 63 -26.95 0.95 -6.66
C ASP A 63 -26.19 0.99 -5.32
N LEU A 64 -26.26 -0.10 -4.56
CA LEU A 64 -25.61 -0.20 -3.25
C LEU A 64 -24.25 0.49 -3.17
N VAL A 65 -24.03 1.20 -2.07
CA VAL A 65 -22.78 1.91 -1.84
C VAL A 65 -21.73 1.10 -1.05
N ILE A 66 -20.51 1.09 -1.56
CA ILE A 66 -19.38 0.42 -0.90
C ILE A 66 -18.66 1.64 -0.37
N PRO A 67 -18.94 2.02 0.88
CA PRO A 67 -18.29 3.19 1.46
C PRO A 67 -16.78 3.17 1.58
N ALA A 68 -16.19 2.00 1.82
CA ALA A 68 -14.74 1.93 1.97
C ALA A 68 -14.01 0.87 1.18
N PRO A 69 -14.07 0.94 -0.15
CA PRO A 69 -13.37 -0.07 -0.94
C PRO A 69 -11.87 0.03 -0.67
N ILE A 70 -11.12 -1.06 -0.87
CA ILE A 70 -9.69 -1.07 -0.61
C ILE A 70 -8.88 -1.67 -1.75
N GLN A 71 -7.72 -1.07 -2.02
CA GLN A 71 -6.83 -1.59 -3.06
C GLN A 71 -5.79 -2.48 -2.35
N GLN A 72 -5.64 -3.71 -2.80
CA GLN A 72 -4.72 -4.66 -2.18
C GLN A 72 -3.32 -4.75 -2.79
N LEU A 73 -2.40 -3.99 -2.23
CA LEU A 73 -1.02 -4.02 -2.70
C LEU A 73 -0.29 -5.13 -1.94
N VAL A 74 0.34 -6.03 -2.68
CA VAL A 74 1.04 -7.14 -2.08
C VAL A 74 2.53 -7.10 -2.38
N THR A 75 3.33 -7.26 -1.33
CA THR A 75 4.77 -7.25 -1.46
C THR A 75 5.31 -8.57 -0.94
N GLY A 76 6.19 -9.21 -1.70
CA GLY A 76 6.75 -10.47 -1.26
C GLY A 76 7.31 -11.33 -2.38
N GLN A 77 7.85 -12.46 -2.00
CA GLN A 77 8.46 -13.39 -2.95
C GLN A 77 8.56 -14.77 -2.31
N SER A 78 8.78 -15.78 -3.14
CA SER A 78 8.96 -17.14 -2.64
C SER A 78 7.85 -17.63 -1.72
N GLY A 79 6.60 -17.39 -2.08
CA GLY A 79 5.50 -17.85 -1.24
C GLY A 79 5.18 -17.13 0.05
N LEU A 80 5.90 -16.06 0.39
CA LEU A 80 5.66 -15.30 1.62
C LEU A 80 5.40 -13.84 1.27
N PHE A 81 4.24 -13.33 1.65
CA PHE A 81 3.88 -11.96 1.33
C PHE A 81 3.19 -11.21 2.45
N THR A 82 3.19 -9.89 2.32
CA THR A 82 2.52 -9.02 3.26
C THR A 82 1.58 -8.15 2.42
N GLN A 83 0.32 -8.11 2.81
CA GLN A 83 -0.67 -7.34 2.08
C GLN A 83 -0.98 -6.01 2.75
N TYR A 84 -0.92 -4.93 1.99
CA TYR A 84 -1.22 -3.61 2.50
C TYR A 84 -2.52 -3.12 1.88
N ASN A 85 -3.47 -2.75 2.71
CA ASN A 85 -4.75 -2.28 2.22
C ASN A 85 -4.80 -0.76 2.12
N ILE A 86 -4.94 -0.26 0.90
CA ILE A 86 -5.04 1.18 0.64
C ILE A 86 -6.52 1.48 0.46
N GLN A 87 -7.04 2.49 1.16
CA GLN A 87 -8.45 2.81 1.03
C GLN A 87 -8.74 3.73 -0.14
N LYS A 88 -9.81 3.43 -0.87
CA LYS A 88 -10.24 4.21 -2.02
C LYS A 88 -11.61 4.85 -1.75
N LYS A 89 -11.88 6.00 -2.37
CA LYS A 89 -13.17 6.69 -2.21
C LYS A 89 -14.34 5.73 -2.49
N ALA A 90 -15.49 6.03 -1.90
CA ALA A 90 -16.67 5.20 -2.08
C ALA A 90 -17.00 4.94 -3.54
N MET A 91 -17.78 3.91 -3.79
CA MET A 91 -18.18 3.60 -5.15
C MET A 91 -19.38 2.66 -5.07
N THR A 92 -20.08 2.53 -6.19
CA THR A 92 -21.28 1.70 -6.26
C THR A 92 -20.90 0.36 -6.86
N VAL A 93 -21.79 -0.61 -6.68
CA VAL A 93 -21.56 -1.94 -7.23
C VAL A 93 -21.32 -1.86 -8.75
N ARG A 94 -22.01 -0.95 -9.42
CA ARG A 94 -21.83 -0.84 -10.87
C ARG A 94 -20.40 -0.42 -11.20
N GLU A 95 -19.89 0.60 -10.50
CA GLU A 95 -18.53 1.05 -10.75
C GLU A 95 -17.52 -0.06 -10.44
N PHE A 96 -17.82 -0.87 -9.41
CA PHE A 96 -16.98 -1.97 -8.98
C PHE A 96 -17.04 -3.10 -9.97
N ARG A 97 -18.25 -3.51 -10.31
CA ARG A 97 -18.46 -4.58 -11.28
C ARG A 97 -17.78 -4.17 -12.61
N LYS A 98 -17.87 -2.88 -12.94
CA LYS A 98 -17.26 -2.38 -14.17
C LYS A 98 -15.77 -2.64 -14.19
N ILE A 99 -15.09 -2.26 -13.12
CA ILE A 99 -13.66 -2.45 -13.04
C ILE A 99 -13.31 -3.92 -12.88
N ALA A 100 -14.17 -4.67 -12.19
CA ALA A 100 -13.93 -6.08 -11.95
C ALA A 100 -14.00 -6.90 -13.23
N ASN A 101 -14.87 -6.46 -14.14
CA ASN A 101 -15.05 -7.13 -15.41
C ASN A 101 -14.15 -6.58 -16.52
N SER A 102 -13.64 -5.37 -16.31
CA SER A 102 -12.76 -4.73 -17.30
C SER A 102 -11.65 -5.71 -17.66
N ASP A 103 -11.12 -5.57 -18.87
CA ASP A 103 -10.05 -6.47 -19.31
C ASP A 103 -8.79 -6.29 -18.47
N LYS A 104 -8.70 -5.20 -17.73
CA LYS A 104 -7.53 -4.92 -16.88
C LYS A 104 -7.51 -5.75 -15.59
N TYR A 105 -8.66 -5.88 -14.92
CA TYR A 105 -8.74 -6.65 -13.69
C TYR A 105 -9.56 -7.91 -13.85
N CYS A 106 -9.87 -8.24 -15.10
CA CYS A 106 -10.66 -9.44 -15.44
C CYS A 106 -9.97 -10.76 -15.07
N THR A 107 -10.78 -11.78 -14.82
CA THR A 107 -10.26 -13.11 -14.49
C THR A 107 -9.55 -13.67 -15.71
N PRO A 108 -8.35 -14.26 -15.54
CA PRO A 108 -7.64 -14.80 -16.69
C PRO A 108 -8.29 -16.12 -17.12
N ARG A 109 -7.86 -16.62 -18.27
CA ARG A 109 -8.38 -17.87 -18.81
C ARG A 109 -7.61 -19.03 -18.20
N TYR A 110 -8.22 -20.21 -18.17
CA TYR A 110 -7.55 -21.37 -17.58
C TYR A 110 -8.42 -22.61 -17.75
N SER A 111 -7.82 -23.76 -17.53
CA SER A 111 -8.53 -25.03 -17.67
C SER A 111 -9.00 -25.56 -16.31
N GLU A 112 -8.07 -26.08 -15.53
CA GLU A 112 -8.36 -26.66 -14.24
C GLU A 112 -7.98 -25.72 -13.08
N PHE A 113 -8.70 -25.82 -11.96
CA PHE A 113 -8.44 -24.97 -10.80
C PHE A 113 -6.93 -24.90 -10.51
N GLU A 114 -6.28 -26.04 -10.63
CA GLU A 114 -4.85 -26.14 -10.38
C GLU A 114 -4.08 -25.03 -11.12
N GLU A 115 -4.54 -24.68 -12.31
CA GLU A 115 -3.91 -23.65 -13.13
C GLU A 115 -4.31 -22.25 -12.68
N LEU A 116 -5.58 -22.06 -12.32
CA LEU A 116 -6.04 -20.73 -11.86
C LEU A 116 -5.31 -20.41 -10.55
N GLU A 117 -5.03 -21.46 -9.78
CA GLU A 117 -4.34 -21.34 -8.51
C GLU A 117 -2.87 -20.97 -8.75
N ARG A 118 -2.25 -21.58 -9.74
CA ARG A 118 -0.86 -21.26 -10.04
C ARG A 118 -0.74 -19.80 -10.46
N LYS A 119 -1.72 -19.31 -11.22
CA LYS A 119 -1.69 -17.93 -11.66
C LYS A 119 -1.88 -16.97 -10.51
N TYR A 120 -2.69 -17.35 -9.54
CA TYR A 120 -2.91 -16.49 -8.39
C TYR A 120 -1.57 -16.26 -7.69
N TRP A 121 -0.90 -17.34 -7.31
CA TRP A 121 0.37 -17.25 -6.60
C TRP A 121 1.52 -16.67 -7.44
N LYS A 122 1.33 -16.62 -8.75
CA LYS A 122 2.37 -16.08 -9.61
C LYS A 122 2.20 -14.56 -9.75
N ASN A 123 0.94 -14.13 -9.80
CA ASN A 123 0.62 -12.72 -10.01
C ASN A 123 -0.01 -11.90 -8.88
N LEU A 124 -0.09 -12.41 -7.66
CA LEU A 124 -0.74 -11.64 -6.60
C LEU A 124 -0.08 -10.30 -6.27
N THR A 125 1.19 -10.13 -6.62
CA THR A 125 1.87 -8.86 -6.34
C THR A 125 1.75 -7.88 -7.51
N PHE A 126 1.13 -8.30 -8.60
CA PHE A 126 0.95 -7.44 -9.78
C PHE A 126 -0.49 -6.99 -9.91
N ASN A 127 -0.69 -5.81 -10.48
CA ASN A 127 -2.05 -5.31 -10.71
C ASN A 127 -2.98 -5.25 -9.51
N PRO A 128 -2.56 -4.57 -8.44
CA PRO A 128 -3.35 -4.45 -7.21
C PRO A 128 -4.85 -4.27 -7.47
N PRO A 129 -5.64 -5.32 -7.18
CA PRO A 129 -7.09 -5.31 -7.37
C PRO A 129 -7.81 -4.52 -6.30
N ILE A 130 -9.11 -4.33 -6.48
CA ILE A 130 -9.92 -3.61 -5.50
C ILE A 130 -10.89 -4.58 -4.89
N TYR A 131 -11.02 -4.51 -3.57
CA TYR A 131 -11.93 -5.38 -2.83
C TYR A 131 -12.92 -4.51 -2.09
N GLY A 132 -14.21 -4.67 -2.38
CA GLY A 132 -15.23 -3.92 -1.69
C GLY A 132 -15.60 -4.72 -0.46
N ALA A 133 -14.70 -4.74 0.51
CA ALA A 133 -14.91 -5.53 1.71
C ALA A 133 -15.45 -4.80 2.95
N ASP A 134 -15.91 -5.63 3.89
CA ASP A 134 -16.46 -5.18 5.16
C ASP A 134 -17.55 -4.12 5.01
N VAL A 135 -18.49 -4.36 4.10
CA VAL A 135 -19.61 -3.44 3.89
C VAL A 135 -20.76 -3.83 4.81
N ASN A 136 -21.13 -2.93 5.70
CA ASN A 136 -22.22 -3.19 6.64
C ASN A 136 -23.54 -3.40 5.91
N GLY A 137 -24.27 -4.44 6.28
CA GLY A 137 -25.53 -4.72 5.65
C GLY A 137 -25.77 -6.19 5.33
N THR A 138 -26.94 -6.50 4.81
CA THR A 138 -27.29 -7.86 4.47
C THR A 138 -28.05 -7.90 3.13
N LEU A 139 -28.05 -9.06 2.49
CA LEU A 139 -28.77 -9.23 1.22
C LEU A 139 -29.88 -10.27 1.41
N TYR A 140 -30.07 -10.68 2.65
CA TYR A 140 -31.10 -11.64 2.96
C TYR A 140 -32.44 -10.92 3.00
N GLU A 141 -33.49 -11.59 2.56
CA GLU A 141 -34.80 -10.97 2.61
C GLU A 141 -35.34 -11.13 4.03
N LYS A 142 -35.98 -10.07 4.53
CA LYS A 142 -36.56 -10.01 5.87
C LYS A 142 -37.31 -11.24 6.37
N HIS A 143 -37.87 -12.03 5.47
CA HIS A 143 -38.66 -13.19 5.88
C HIS A 143 -37.92 -14.52 6.00
N VAL A 144 -36.68 -14.60 5.49
CA VAL A 144 -35.91 -15.84 5.55
C VAL A 144 -35.47 -16.15 6.99
N ASP A 145 -35.93 -17.27 7.52
CA ASP A 145 -35.60 -17.65 8.89
C ASP A 145 -34.59 -18.80 9.00
N GLU A 146 -34.19 -19.35 7.87
CA GLU A 146 -33.22 -20.45 7.88
C GLU A 146 -31.84 -19.87 7.58
N TRP A 147 -30.88 -20.13 8.45
CA TRP A 147 -29.51 -19.65 8.25
C TRP A 147 -29.43 -18.18 7.83
N ASN A 148 -30.20 -17.31 8.47
CA ASN A 148 -30.17 -15.90 8.14
C ASN A 148 -29.00 -15.29 8.89
N ILE A 149 -27.94 -14.98 8.16
CA ILE A 149 -26.73 -14.41 8.74
C ILE A 149 -27.00 -13.18 9.61
N GLY A 150 -28.18 -12.58 9.42
CA GLY A 150 -28.54 -11.41 10.20
C GLY A 150 -29.13 -11.72 11.56
N ARG A 151 -29.56 -12.96 11.76
CA ARG A 151 -30.12 -13.39 13.03
C ARG A 151 -30.02 -14.90 13.22
N LEU A 152 -28.80 -15.39 13.48
CA LEU A 152 -28.58 -16.82 13.64
C LEU A 152 -29.05 -17.38 15.00
N ARG A 153 -29.22 -16.51 15.98
CA ARG A 153 -29.66 -16.91 17.31
C ARG A 153 -28.74 -17.85 18.10
N THR A 154 -27.44 -17.59 18.08
CA THR A 154 -26.50 -18.42 18.83
C THR A 154 -26.19 -17.69 20.13
N ILE A 155 -25.49 -18.33 21.05
CA ILE A 155 -25.16 -17.69 22.31
C ILE A 155 -24.28 -16.44 22.16
N LEU A 156 -23.81 -16.14 20.94
CA LEU A 156 -22.98 -14.96 20.73
C LEU A 156 -23.88 -13.74 20.98
N ASP A 157 -25.18 -13.94 20.83
CA ASP A 157 -26.14 -12.87 21.06
C ASP A 157 -26.04 -12.32 22.48
N LEU A 158 -25.52 -13.11 23.41
CA LEU A 158 -25.36 -12.69 24.80
C LEU A 158 -24.53 -11.42 24.93
N VAL A 159 -23.62 -11.18 23.99
CA VAL A 159 -22.78 -9.98 24.04
C VAL A 159 -23.70 -8.75 23.99
N GLU A 160 -24.55 -8.73 22.97
CA GLU A 160 -25.51 -7.64 22.78
C GLU A 160 -26.57 -7.59 23.89
N LYS A 161 -27.20 -8.75 24.14
CA LYS A 161 -28.25 -8.90 25.14
C LYS A 161 -27.83 -8.32 26.49
N GLU A 162 -26.64 -8.74 26.93
CA GLU A 162 -26.06 -8.35 28.21
C GLU A 162 -25.41 -6.96 28.28
N SER A 163 -25.03 -6.38 27.15
CA SER A 163 -24.34 -5.10 27.21
C SER A 163 -24.74 -4.06 26.18
N GLY A 164 -25.52 -4.44 25.17
CA GLY A 164 -25.91 -3.50 24.14
C GLY A 164 -24.78 -3.21 23.15
N ILE A 165 -23.61 -3.80 23.40
CA ILE A 165 -22.46 -3.59 22.54
C ILE A 165 -22.58 -4.24 21.16
N THR A 166 -22.37 -3.42 20.13
CA THR A 166 -22.43 -3.84 18.75
C THR A 166 -21.00 -3.87 18.19
N ILE A 167 -20.64 -4.97 17.54
CA ILE A 167 -19.31 -5.11 16.96
C ILE A 167 -19.49 -5.44 15.48
N GLU A 168 -19.48 -4.39 14.64
CA GLU A 168 -19.67 -4.52 13.21
C GLU A 168 -18.87 -5.65 12.57
N GLY A 169 -19.59 -6.54 11.87
CA GLY A 169 -18.96 -7.66 11.21
C GLY A 169 -18.87 -8.90 12.11
N VAL A 170 -18.86 -8.70 13.42
CA VAL A 170 -18.76 -9.81 14.37
C VAL A 170 -20.17 -10.26 14.76
N ASN A 171 -20.96 -9.37 15.35
CA ASN A 171 -22.33 -9.72 15.68
C ASN A 171 -23.32 -8.92 14.83
N THR A 172 -22.88 -8.55 13.63
CA THR A 172 -23.69 -7.86 12.62
C THR A 172 -23.17 -8.37 11.27
N PRO A 173 -24.02 -8.35 10.23
CA PRO A 173 -23.60 -8.85 8.91
C PRO A 173 -22.67 -7.94 8.10
N TYR A 174 -21.80 -8.57 7.31
CA TYR A 174 -20.85 -7.87 6.46
C TYR A 174 -20.95 -8.41 5.03
N LEU A 175 -20.87 -7.50 4.05
CA LEU A 175 -20.91 -7.91 2.65
C LEU A 175 -19.53 -7.70 2.04
N TYR A 176 -19.12 -8.62 1.16
CA TYR A 176 -17.82 -8.55 0.49
C TYR A 176 -17.97 -8.68 -1.02
N PHE A 177 -17.57 -7.64 -1.76
CA PHE A 177 -17.63 -7.69 -3.21
C PHE A 177 -16.20 -7.88 -3.68
N GLY A 178 -15.91 -9.03 -4.28
CA GLY A 178 -14.56 -9.28 -4.74
C GLY A 178 -14.42 -9.37 -6.26
N MET A 179 -13.17 -9.36 -6.72
CA MET A 179 -12.85 -9.51 -8.13
C MET A 179 -11.68 -10.48 -8.18
N TRP A 180 -11.18 -10.75 -9.38
CA TRP A 180 -10.05 -11.66 -9.53
C TRP A 180 -8.87 -11.21 -8.67
N LYS A 181 -8.19 -12.17 -8.05
CA LYS A 181 -7.02 -11.93 -7.21
C LYS A 181 -7.22 -11.21 -5.88
N THR A 182 -8.44 -10.83 -5.51
CA THR A 182 -8.62 -10.20 -4.21
C THR A 182 -8.47 -11.36 -3.23
N SER A 183 -7.87 -11.11 -2.08
CA SER A 183 -7.68 -12.21 -1.15
C SER A 183 -7.79 -11.88 0.34
N PHE A 184 -7.94 -12.93 1.14
CA PHE A 184 -8.03 -12.77 2.58
C PHE A 184 -6.87 -13.55 3.20
N ALA A 185 -6.04 -12.83 3.95
CA ALA A 185 -4.85 -13.39 4.58
C ALA A 185 -5.14 -14.46 5.65
N TRP A 186 -4.09 -15.17 6.06
CA TRP A 186 -4.20 -16.20 7.08
C TRP A 186 -4.65 -15.62 8.43
N HIS A 187 -5.71 -16.18 8.99
CA HIS A 187 -6.22 -15.72 10.27
C HIS A 187 -7.30 -16.62 10.84
N THR A 188 -7.59 -16.42 12.11
CA THR A 188 -8.65 -17.12 12.79
C THR A 188 -9.58 -15.96 13.07
N GLU A 189 -10.82 -16.24 13.43
CA GLU A 189 -11.76 -15.17 13.70
C GLU A 189 -11.39 -14.42 14.98
N ASP A 190 -11.98 -13.24 15.15
CA ASP A 190 -11.76 -12.44 16.36
C ASP A 190 -12.23 -13.26 17.55
N MET A 191 -11.45 -13.29 18.62
CA MET A 191 -11.81 -14.07 19.82
C MET A 191 -11.94 -15.56 19.46
N ASP A 192 -11.35 -15.95 18.34
CA ASP A 192 -11.40 -17.31 17.83
C ASP A 192 -12.81 -17.90 17.74
N LEU A 193 -13.73 -17.08 17.26
CA LEU A 193 -15.11 -17.50 17.10
C LEU A 193 -15.28 -18.31 15.83
N TYR A 194 -16.53 -18.74 15.59
CA TYR A 194 -16.92 -19.45 14.38
C TYR A 194 -17.27 -18.35 13.41
N SER A 195 -17.27 -18.67 12.12
CA SER A 195 -17.67 -17.69 11.13
C SER A 195 -18.54 -18.44 10.12
N ILE A 196 -19.45 -17.70 9.50
CA ILE A 196 -20.32 -18.28 8.50
C ILE A 196 -20.16 -17.41 7.25
N ASN A 197 -20.06 -18.04 6.09
CA ASN A 197 -19.89 -17.28 4.88
C ASN A 197 -20.76 -17.83 3.75
N TYR A 198 -21.62 -16.95 3.24
CA TYR A 198 -22.51 -17.33 2.16
C TYR A 198 -22.14 -16.56 0.91
N LEU A 199 -21.90 -17.28 -0.17
CA LEU A 199 -21.54 -16.66 -1.44
C LEU A 199 -22.84 -16.43 -2.23
N HIS A 200 -23.35 -15.19 -2.17
CA HIS A 200 -24.59 -14.82 -2.87
C HIS A 200 -24.56 -15.02 -4.37
N PHE A 201 -23.50 -14.59 -5.05
CA PHE A 201 -23.44 -14.74 -6.49
C PHE A 201 -22.06 -14.39 -7.04
N GLY A 202 -21.82 -14.75 -8.30
CA GLY A 202 -20.55 -14.44 -8.95
C GLY A 202 -19.61 -15.62 -9.08
N GLU A 203 -18.33 -15.32 -9.29
CA GLU A 203 -17.34 -16.38 -9.43
C GLU A 203 -17.06 -17.00 -8.06
N PRO A 204 -16.41 -18.17 -8.05
CA PRO A 204 -16.11 -18.86 -6.79
C PRO A 204 -15.06 -18.19 -5.91
N LYS A 205 -15.01 -18.67 -4.67
CA LYS A 205 -14.05 -18.21 -3.68
C LYS A 205 -13.36 -19.47 -3.19
N SER A 206 -12.02 -19.50 -3.29
CA SER A 206 -11.27 -20.67 -2.85
C SER A 206 -10.69 -20.45 -1.46
N TRP A 207 -10.66 -21.52 -0.68
CA TRP A 207 -10.17 -21.46 0.69
C TRP A 207 -9.05 -22.43 0.98
N TYR A 208 -8.20 -22.03 1.92
CA TYR A 208 -7.10 -22.86 2.40
C TYR A 208 -7.40 -22.94 3.90
N SER A 209 -7.16 -24.07 4.52
CA SER A 209 -7.46 -24.20 5.94
C SER A 209 -6.50 -25.10 6.68
N VAL A 210 -6.14 -24.71 7.89
CA VAL A 210 -5.26 -25.51 8.72
C VAL A 210 -6.06 -26.00 9.91
N PRO A 211 -6.02 -27.31 10.18
CA PRO A 211 -6.77 -27.87 11.32
C PRO A 211 -6.39 -27.17 12.63
N PRO A 212 -7.39 -26.85 13.48
CA PRO A 212 -7.17 -26.19 14.76
C PRO A 212 -6.12 -26.96 15.55
N GLU A 213 -6.16 -28.27 15.37
CA GLU A 213 -5.24 -29.19 16.00
C GLU A 213 -3.79 -28.83 15.69
N HIS A 214 -3.55 -28.18 14.55
CA HIS A 214 -2.19 -27.78 14.17
C HIS A 214 -2.01 -26.27 14.07
N GLY A 215 -2.96 -25.52 14.60
CA GLY A 215 -2.86 -24.07 14.53
C GLY A 215 -1.56 -23.50 15.04
N LYS A 216 -1.10 -23.97 16.18
CA LYS A 216 0.14 -23.44 16.72
C LYS A 216 1.35 -23.67 15.84
N ARG A 217 1.36 -24.74 15.05
CA ARG A 217 2.50 -24.97 14.19
C ARG A 217 2.54 -23.92 13.09
N LEU A 218 1.36 -23.49 12.63
CA LEU A 218 1.28 -22.47 11.59
C LEU A 218 1.80 -21.15 12.19
N GLU A 219 1.45 -20.87 13.45
CA GLU A 219 1.88 -19.65 14.12
C GLU A 219 3.39 -19.58 14.30
N ARG A 220 4.00 -20.72 14.61
CA ARG A 220 5.44 -20.78 14.82
C ARG A 220 6.16 -20.53 13.50
N LEU A 221 5.63 -21.09 12.42
CA LEU A 221 6.22 -20.90 11.10
C LEU A 221 6.13 -19.42 10.75
N ALA A 222 4.94 -18.85 10.92
CA ALA A 222 4.68 -17.44 10.64
C ALA A 222 5.63 -16.54 11.44
N LYS A 223 5.80 -16.85 12.72
CA LYS A 223 6.69 -16.08 13.59
C LYS A 223 8.11 -16.06 13.03
N GLY A 224 8.56 -17.22 12.57
CA GLY A 224 9.90 -17.34 12.02
C GLY A 224 10.09 -16.58 10.72
N PHE A 225 9.06 -16.54 9.89
CA PHE A 225 9.16 -15.84 8.62
C PHE A 225 9.08 -14.34 8.80
N PHE A 226 8.32 -13.90 9.80
CA PHE A 226 8.17 -12.47 10.06
C PHE A 226 8.50 -12.15 11.51
N PRO A 227 9.77 -12.36 11.91
CA PRO A 227 10.20 -12.09 13.28
C PRO A 227 9.96 -10.64 13.70
N GLY A 228 10.09 -9.72 12.76
CA GLY A 228 9.87 -8.33 13.09
C GLY A 228 8.44 -8.12 13.58
N SER A 229 7.49 -8.65 12.82
CA SER A 229 6.09 -8.51 13.20
C SER A 229 5.74 -9.26 14.46
N ALA A 230 6.28 -10.47 14.61
CA ALA A 230 5.99 -11.26 15.79
C ALA A 230 6.41 -10.54 17.08
N GLN A 231 7.57 -9.90 17.09
CA GLN A 231 8.00 -9.23 18.31
C GLN A 231 7.28 -7.93 18.65
N SER A 232 6.65 -7.28 17.69
CA SER A 232 5.94 -6.04 18.00
C SER A 232 4.48 -6.34 18.33
N CYS A 233 4.08 -7.58 18.07
CA CYS A 233 2.73 -8.06 18.34
C CYS A 233 2.64 -9.58 18.15
N GLU A 234 2.62 -10.31 19.25
CA GLU A 234 2.52 -11.77 19.19
C GLU A 234 1.41 -12.21 18.22
N ALA A 235 0.22 -11.65 18.39
CA ALA A 235 -0.90 -12.01 17.53
C ALA A 235 -0.94 -11.20 16.23
N PHE A 236 0.21 -10.99 15.61
CA PHE A 236 0.28 -10.20 14.37
C PHE A 236 -0.54 -10.75 13.21
N LEU A 237 -0.81 -12.06 13.20
CA LEU A 237 -1.62 -12.63 12.12
C LEU A 237 -3.03 -12.02 12.13
N ARG A 238 -3.49 -11.57 13.30
CA ARG A 238 -4.81 -10.98 13.37
C ARG A 238 -4.87 -9.67 12.57
N HIS A 239 -3.70 -9.14 12.19
CA HIS A 239 -3.65 -7.91 11.41
C HIS A 239 -4.20 -8.19 10.01
N LYS A 240 -4.35 -9.48 9.69
CA LYS A 240 -4.84 -9.92 8.38
C LYS A 240 -4.06 -9.35 7.21
N MET A 241 -2.73 -9.42 7.31
CA MET A 241 -1.86 -8.91 6.26
C MET A 241 -0.90 -9.98 5.75
N THR A 242 -0.92 -11.14 6.37
CA THR A 242 0.02 -12.19 6.00
C THR A 242 -0.49 -13.27 5.03
N LEU A 243 0.20 -13.40 3.91
CA LEU A 243 -0.16 -14.39 2.93
C LEU A 243 0.96 -15.43 2.85
N ILE A 244 0.56 -16.70 2.87
CA ILE A 244 1.52 -17.80 2.79
C ILE A 244 0.95 -18.83 1.82
N SER A 245 1.74 -19.18 0.80
CA SER A 245 1.28 -20.13 -0.22
C SER A 245 1.27 -21.57 0.25
N PRO A 246 0.40 -22.39 -0.35
CA PRO A 246 0.30 -23.80 0.02
C PRO A 246 1.62 -24.52 -0.13
N LEU A 247 2.41 -24.13 -1.13
CA LEU A 247 3.71 -24.77 -1.32
C LEU A 247 4.61 -24.54 -0.12
N MET A 248 4.60 -23.32 0.43
CA MET A 248 5.42 -23.03 1.60
C MET A 248 4.92 -23.86 2.77
N LEU A 249 3.61 -24.01 2.88
CA LEU A 249 3.05 -24.81 3.95
C LEU A 249 3.52 -26.26 3.81
N LYS A 250 3.44 -26.77 2.58
CA LYS A 250 3.83 -28.13 2.28
C LYS A 250 5.30 -28.35 2.65
N LYS A 251 6.15 -27.42 2.22
CA LYS A 251 7.57 -27.46 2.48
C LYS A 251 7.92 -27.50 3.97
N TYR A 252 7.07 -26.92 4.81
CA TYR A 252 7.38 -26.94 6.22
C TYR A 252 6.56 -27.89 7.06
N GLY A 253 5.95 -28.86 6.39
CA GLY A 253 5.17 -29.87 7.07
C GLY A 253 3.89 -29.46 7.75
N ILE A 254 3.35 -28.29 7.40
CA ILE A 254 2.11 -27.86 8.02
C ILE A 254 0.90 -28.41 7.26
N PRO A 255 0.11 -29.26 7.93
CA PRO A 255 -1.08 -29.85 7.31
C PRO A 255 -2.15 -28.82 7.00
N PHE A 256 -2.77 -28.99 5.85
CA PHE A 256 -3.82 -28.08 5.39
C PHE A 256 -4.64 -28.77 4.31
N ASP A 257 -5.79 -28.18 4.00
CA ASP A 257 -6.64 -28.71 2.95
C ASP A 257 -7.20 -27.49 2.20
N LYS A 258 -7.68 -27.71 0.98
CA LYS A 258 -8.23 -26.61 0.21
C LYS A 258 -9.62 -26.95 -0.28
N VAL A 259 -10.40 -25.92 -0.56
CA VAL A 259 -11.76 -26.11 -1.04
C VAL A 259 -12.19 -24.87 -1.79
N THR A 260 -13.05 -25.05 -2.79
CA THR A 260 -13.56 -23.93 -3.56
C THR A 260 -15.05 -23.80 -3.33
N GLN A 261 -15.47 -22.62 -2.89
CA GLN A 261 -16.86 -22.32 -2.59
C GLN A 261 -17.59 -21.74 -3.81
N GLU A 262 -18.70 -22.36 -4.20
CA GLU A 262 -19.46 -21.91 -5.37
C GLU A 262 -20.63 -21.04 -4.93
N ALA A 263 -21.20 -20.27 -5.85
CA ALA A 263 -22.33 -19.40 -5.54
C ALA A 263 -23.45 -20.25 -4.94
N GLY A 264 -24.16 -19.69 -3.96
CA GLY A 264 -25.21 -20.44 -3.31
C GLY A 264 -24.72 -21.44 -2.27
N GLU A 265 -23.44 -21.37 -1.93
CA GLU A 265 -22.88 -22.28 -0.94
C GLU A 265 -22.40 -21.58 0.35
N PHE A 266 -22.50 -22.30 1.45
CA PHE A 266 -22.08 -21.81 2.76
C PHE A 266 -20.73 -22.37 3.18
N MET A 267 -19.93 -21.55 3.83
CA MET A 267 -18.64 -21.98 4.36
C MET A 267 -18.67 -21.66 5.85
N ILE A 268 -18.21 -22.61 6.65
CA ILE A 268 -18.18 -22.45 8.10
C ILE A 268 -16.78 -22.67 8.63
N THR A 269 -16.23 -21.67 9.32
CA THR A 269 -14.89 -21.82 9.88
C THR A 269 -15.12 -22.08 11.34
N PHE A 270 -14.25 -22.89 11.94
CA PHE A 270 -14.37 -23.24 13.34
C PHE A 270 -13.37 -22.55 14.24
N PRO A 271 -13.66 -22.50 15.55
CA PRO A 271 -12.77 -21.85 16.51
C PRO A 271 -11.32 -22.28 16.33
N TYR A 272 -10.46 -21.27 16.22
CA TYR A 272 -9.03 -21.48 16.06
C TYR A 272 -8.63 -22.15 14.76
N GLY A 273 -9.52 -22.12 13.79
CA GLY A 273 -9.20 -22.71 12.51
C GLY A 273 -8.58 -21.63 11.63
N TYR A 274 -7.30 -21.77 11.31
CA TYR A 274 -6.66 -20.79 10.45
C TYR A 274 -7.08 -20.98 8.99
N HIS A 275 -7.42 -19.88 8.32
CA HIS A 275 -7.80 -19.98 6.91
C HIS A 275 -7.38 -18.75 6.12
N ALA A 276 -7.32 -18.91 4.80
CA ALA A 276 -6.95 -17.85 3.88
C ALA A 276 -7.42 -18.23 2.49
N GLY A 277 -7.51 -17.28 1.58
CA GLY A 277 -7.96 -17.62 0.24
C GLY A 277 -7.97 -16.46 -0.73
N PHE A 278 -8.72 -16.64 -1.82
CA PHE A 278 -8.84 -15.61 -2.85
C PHE A 278 -10.11 -15.79 -3.68
N ASN A 279 -10.56 -14.70 -4.31
CA ASN A 279 -11.75 -14.76 -5.17
C ASN A 279 -11.35 -14.98 -6.64
N HIS A 280 -12.15 -15.78 -7.36
CA HIS A 280 -11.91 -16.09 -8.76
C HIS A 280 -12.20 -14.91 -9.68
N GLY A 281 -13.27 -14.20 -9.38
CA GLY A 281 -13.66 -13.05 -10.18
C GLY A 281 -14.72 -12.27 -9.45
N PHE A 282 -15.53 -11.51 -10.16
CA PHE A 282 -16.58 -10.73 -9.53
C PHE A 282 -17.53 -11.65 -8.77
N ASN A 283 -17.83 -11.27 -7.53
CA ASN A 283 -18.75 -12.04 -6.70
C ASN A 283 -19.18 -11.23 -5.49
N CYS A 284 -20.08 -11.80 -4.71
CA CYS A 284 -20.60 -11.15 -3.52
C CYS A 284 -20.82 -12.17 -2.41
N ALA A 285 -20.22 -11.90 -1.25
CA ALA A 285 -20.34 -12.80 -0.12
C ALA A 285 -20.79 -12.01 1.10
N GLU A 286 -21.53 -12.68 1.98
CA GLU A 286 -22.00 -12.08 3.21
C GLU A 286 -21.49 -12.94 4.35
N SER A 287 -21.08 -12.32 5.45
CA SER A 287 -20.57 -13.10 6.58
C SER A 287 -20.71 -12.44 7.94
N THR A 288 -20.51 -13.25 8.99
CA THR A 288 -20.60 -12.79 10.37
C THR A 288 -20.01 -13.88 11.24
N ASN A 289 -19.79 -13.59 12.51
CA ASN A 289 -19.27 -14.58 13.42
C ASN A 289 -20.45 -15.12 14.23
N PHE A 290 -20.23 -16.24 14.90
CA PHE A 290 -21.24 -16.83 15.77
C PHE A 290 -20.52 -17.71 16.78
N ALA A 291 -21.24 -18.15 17.80
CA ALA A 291 -20.63 -18.97 18.82
C ALA A 291 -21.53 -20.11 19.27
N THR A 292 -20.91 -21.07 19.95
CA THR A 292 -21.61 -22.22 20.49
C THR A 292 -20.95 -22.45 21.84
N ARG A 293 -21.48 -23.35 22.64
CA ARG A 293 -20.92 -23.60 23.96
C ARG A 293 -19.47 -24.02 23.88
N ARG A 294 -19.13 -24.78 22.85
CA ARG A 294 -17.78 -25.29 22.67
C ARG A 294 -16.80 -24.14 22.46
N TRP A 295 -17.27 -23.04 21.89
CA TRP A 295 -16.41 -21.88 21.65
C TRP A 295 -15.86 -21.25 22.93
N ILE A 296 -16.69 -21.23 23.99
CA ILE A 296 -16.32 -20.61 25.26
C ILE A 296 -14.89 -20.79 25.73
N GLU A 297 -14.38 -22.02 25.71
CA GLU A 297 -13.00 -22.24 26.13
C GLU A 297 -12.02 -21.55 25.19
N TYR A 298 -12.33 -21.57 23.90
CA TYR A 298 -11.44 -20.92 22.93
C TYR A 298 -11.44 -19.42 23.22
N GLY A 299 -12.62 -18.87 23.49
CA GLY A 299 -12.76 -17.45 23.77
C GLY A 299 -11.97 -17.01 24.98
N LYS A 300 -11.97 -17.85 26.01
CA LYS A 300 -11.25 -17.56 27.23
C LYS A 300 -9.74 -17.54 27.03
N GLN A 301 -9.27 -18.38 26.09
CA GLN A 301 -7.85 -18.51 25.81
C GLN A 301 -7.33 -17.84 24.55
N ALA A 302 -8.17 -17.13 23.81
CA ALA A 302 -7.71 -16.49 22.58
C ALA A 302 -6.60 -15.48 22.84
N VAL A 303 -5.54 -15.53 22.04
CA VAL A 303 -4.43 -14.59 22.18
C VAL A 303 -4.77 -13.39 21.30
N LEU A 304 -5.01 -12.25 21.93
CA LEU A 304 -5.39 -11.07 21.16
C LEU A 304 -4.26 -10.13 20.80
N CYS A 305 -4.48 -9.33 19.76
CA CYS A 305 -3.50 -8.35 19.32
C CYS A 305 -3.64 -7.15 20.27
N SER A 306 -2.53 -6.65 20.79
CA SER A 306 -2.59 -5.50 21.69
C SER A 306 -1.98 -4.24 21.07
N CYS A 307 -1.23 -4.39 19.97
CA CYS A 307 -0.57 -3.25 19.33
C CYS A 307 -1.48 -2.26 18.60
N ARG A 308 -2.72 -2.64 18.36
CA ARG A 308 -3.66 -1.74 17.70
C ARG A 308 -4.77 -1.50 18.69
N LYS A 309 -5.33 -0.30 18.71
CA LYS A 309 -6.39 -0.05 19.68
C LYS A 309 -7.73 0.22 19.05
N ASP A 310 -8.31 -0.84 18.50
CA ASP A 310 -9.62 -0.78 17.87
C ASP A 310 -9.97 -2.23 17.54
N MET A 311 -9.11 -3.13 18.01
CA MET A 311 -9.27 -4.56 17.79
C MET A 311 -10.43 -5.13 18.57
N VAL A 312 -11.05 -6.18 18.04
CA VAL A 312 -12.19 -6.79 18.70
C VAL A 312 -11.81 -7.48 20.00
N LYS A 313 -12.49 -7.07 21.07
CA LYS A 313 -12.27 -7.60 22.40
C LYS A 313 -13.64 -7.93 22.98
N ILE A 314 -13.85 -9.18 23.41
CA ILE A 314 -15.15 -9.53 23.99
C ILE A 314 -14.94 -10.00 25.42
N SER A 315 -15.72 -9.47 26.35
CA SER A 315 -15.62 -9.87 27.74
C SER A 315 -16.18 -11.27 27.84
N MET A 316 -15.37 -12.20 28.34
CA MET A 316 -15.79 -13.59 28.46
C MET A 316 -16.61 -13.83 29.72
N ASP A 317 -16.57 -12.85 30.62
CA ASP A 317 -17.27 -12.93 31.91
C ASP A 317 -18.69 -13.49 31.84
N VAL A 318 -19.53 -12.89 31.01
CA VAL A 318 -20.91 -13.32 30.91
C VAL A 318 -21.08 -14.78 30.49
N PHE A 319 -20.11 -15.31 29.74
CA PHE A 319 -20.19 -16.69 29.28
C PHE A 319 -19.76 -17.71 30.32
N VAL A 320 -18.69 -17.40 31.02
CA VAL A 320 -18.17 -18.30 32.04
C VAL A 320 -19.20 -18.39 33.16
N ARG A 321 -19.70 -17.23 33.55
CA ARG A 321 -20.67 -17.16 34.61
C ARG A 321 -21.89 -18.00 34.31
N LYS A 322 -22.47 -17.78 33.13
CA LYS A 322 -23.68 -18.50 32.75
C LYS A 322 -23.50 -19.95 32.33
N PHE A 323 -22.40 -20.27 31.66
CA PHE A 323 -22.20 -21.63 31.22
C PHE A 323 -21.15 -22.42 31.97
N GLN A 324 -20.34 -21.77 32.78
CA GLN A 324 -19.32 -22.48 33.55
C GLN A 324 -19.31 -21.97 34.99
N PRO A 325 -20.49 -21.91 35.62
CA PRO A 325 -20.60 -21.43 37.00
C PRO A 325 -19.62 -22.05 38.00
N GLU A 326 -19.34 -23.34 37.85
CA GLU A 326 -18.44 -24.02 38.78
C GLU A 326 -17.02 -23.50 38.66
N ARG A 327 -16.69 -22.90 37.53
CA ARG A 327 -15.34 -22.40 37.32
C ARG A 327 -15.19 -20.89 37.38
N TYR A 328 -16.32 -20.18 37.41
CA TYR A 328 -16.26 -18.73 37.42
C TYR A 328 -15.32 -18.14 38.47
N LYS A 329 -15.41 -18.61 39.70
CA LYS A 329 -14.56 -18.08 40.76
C LYS A 329 -13.08 -18.35 40.49
N LEU A 330 -12.79 -19.58 40.07
CA LEU A 330 -11.44 -20.02 39.74
C LEU A 330 -10.86 -19.23 38.55
N TRP A 331 -11.65 -19.14 37.48
CA TRP A 331 -11.21 -18.42 36.29
C TRP A 331 -10.92 -16.95 36.62
N LYS A 332 -11.80 -16.35 37.41
CA LYS A 332 -11.64 -14.95 37.79
C LYS A 332 -10.32 -14.74 38.51
N ALA A 333 -9.89 -15.74 39.27
CA ALA A 333 -8.65 -15.62 40.02
C ALA A 333 -7.53 -16.21 39.17
N GLY A 334 -7.72 -16.20 37.85
CA GLY A 334 -6.74 -16.72 36.93
C GLY A 334 -6.12 -18.08 37.21
N LYS A 335 -6.91 -19.02 37.73
CA LYS A 335 -6.37 -20.34 38.05
C LYS A 335 -7.04 -21.43 37.22
N ASP A 336 -7.72 -21.05 36.14
CA ASP A 336 -8.40 -22.01 35.28
C ASP A 336 -7.43 -22.53 34.22
N ASN A 337 -6.83 -23.69 34.50
CA ASN A 337 -5.86 -24.29 33.59
C ASN A 337 -6.46 -25.35 32.67
N THR A 338 -7.62 -25.06 32.10
CA THR A 338 -8.30 -25.97 31.20
C THR A 338 -7.51 -26.11 29.90
N VAL A 339 -7.18 -27.35 29.55
CA VAL A 339 -6.47 -27.62 28.31
C VAL A 339 -7.57 -27.92 27.29
N ILE A 340 -7.41 -27.41 26.07
CA ILE A 340 -8.43 -27.60 25.05
C ILE A 340 -8.20 -28.80 24.12
N ASP A 341 -9.22 -29.65 23.99
CA ASP A 341 -9.17 -30.80 23.09
C ASP A 341 -9.90 -30.36 21.83
N HIS A 342 -9.15 -30.10 20.77
CA HIS A 342 -9.75 -29.63 19.53
C HIS A 342 -10.67 -30.64 18.84
N THR A 343 -10.43 -31.92 19.04
CA THR A 343 -11.25 -32.96 18.41
C THR A 343 -12.58 -33.20 19.11
N LEU A 344 -12.59 -32.95 20.41
CA LEU A 344 -13.79 -33.14 21.24
C LEU A 344 -14.99 -32.29 20.78
N PRO A 345 -16.22 -32.85 20.88
CA PRO A 345 -17.45 -32.15 20.49
C PRO A 345 -18.19 -31.78 21.78
N THR A 346 -19.12 -30.83 21.74
CA THR A 346 -19.86 -30.47 22.95
C THR A 346 -20.71 -31.69 23.33
N PRO A 347 -20.27 -32.45 24.36
CA PRO A 347 -21.08 -33.61 24.71
C PRO A 347 -22.23 -33.25 25.64
N PRO B 9 28.30 11.29 -25.21
CA PRO B 9 28.66 12.52 -25.97
C PRO B 9 28.92 13.77 -25.11
N SER B 10 28.26 14.88 -25.48
CA SER B 10 28.40 16.18 -24.81
C SER B 10 27.16 16.59 -23.99
N ALA B 11 26.37 15.59 -23.59
CA ALA B 11 25.17 15.83 -22.82
C ALA B 11 25.22 14.98 -21.55
N ARG B 12 26.42 14.79 -21.00
CA ARG B 12 26.61 14.01 -19.79
C ARG B 12 26.72 14.90 -18.54
N ILE B 13 26.25 14.36 -17.42
CA ILE B 13 26.25 15.05 -16.15
C ILE B 13 27.59 15.67 -15.77
N MET B 14 27.63 16.99 -15.64
CA MET B 14 28.86 17.68 -15.28
C MET B 14 28.89 18.08 -13.79
N THR B 15 30.09 18.16 -13.24
CA THR B 15 30.27 18.54 -11.84
C THR B 15 31.12 19.80 -11.82
N PHE B 16 30.72 20.77 -11.02
CA PHE B 16 31.47 22.04 -10.90
C PHE B 16 31.96 22.31 -9.50
N TYR B 17 33.12 22.94 -9.42
CA TYR B 17 33.74 23.25 -8.14
C TYR B 17 33.99 24.76 -8.10
N PRO B 18 32.97 25.54 -7.72
CA PRO B 18 33.10 27.00 -7.65
C PRO B 18 33.86 27.55 -6.44
N THR B 19 34.62 28.62 -6.70
CA THR B 19 35.38 29.31 -5.66
C THR B 19 34.34 30.09 -4.86
N MET B 20 34.70 30.51 -3.64
CA MET B 20 33.76 31.26 -2.82
C MET B 20 33.23 32.49 -3.56
N GLU B 21 34.04 33.06 -4.45
CA GLU B 21 33.65 34.25 -5.21
C GLU B 21 32.54 33.93 -6.19
N GLU B 22 32.66 32.81 -6.89
CA GLU B 22 31.66 32.43 -7.88
C GLU B 22 30.42 31.95 -7.17
N PHE B 23 30.64 31.24 -6.09
CA PHE B 23 29.57 30.67 -5.30
C PHE B 23 28.62 31.72 -4.74
N ARG B 24 29.13 32.93 -4.53
CA ARG B 24 28.34 34.01 -3.94
C ARG B 24 27.13 34.52 -4.72
N ASN B 25 27.22 34.59 -6.05
CA ASN B 25 26.08 35.06 -6.84
C ASN B 25 25.39 33.85 -7.47
N PHE B 26 24.28 33.40 -6.86
CA PHE B 26 23.56 32.23 -7.35
C PHE B 26 23.11 32.24 -8.81
N SER B 27 22.29 33.23 -9.19
CA SER B 27 21.80 33.31 -10.55
C SER B 27 22.95 33.40 -11.56
N ARG B 28 24.03 34.08 -11.18
CA ARG B 28 25.18 34.23 -12.07
C ARG B 28 25.86 32.88 -12.32
N TYR B 29 26.06 32.11 -11.25
CA TYR B 29 26.74 30.84 -11.40
C TYR B 29 25.91 29.88 -12.26
N ILE B 30 24.60 29.92 -12.13
CA ILE B 30 23.72 29.06 -12.92
C ILE B 30 23.91 29.40 -14.39
N ALA B 31 23.91 30.69 -14.71
CA ALA B 31 24.11 31.13 -16.08
C ALA B 31 25.47 30.65 -16.58
N TYR B 32 26.44 30.61 -15.68
CA TYR B 32 27.77 30.15 -16.03
C TYR B 32 27.83 28.67 -16.37
N ILE B 33 27.31 27.82 -15.48
CA ILE B 33 27.36 26.39 -15.75
C ILE B 33 26.61 26.07 -17.03
N GLU B 34 25.56 26.85 -17.33
CA GLU B 34 24.82 26.63 -18.56
C GLU B 34 25.69 27.06 -19.73
N SER B 35 26.54 28.07 -19.52
CA SER B 35 27.42 28.51 -20.61
C SER B 35 28.39 27.37 -20.91
N GLN B 36 28.55 26.47 -19.95
CA GLN B 36 29.43 25.33 -20.11
C GLN B 36 28.65 24.09 -20.58
N GLY B 37 27.37 24.26 -20.89
CA GLY B 37 26.56 23.15 -21.36
C GLY B 37 26.06 22.19 -20.29
N ALA B 38 26.00 22.65 -19.05
CA ALA B 38 25.54 21.80 -17.96
C ALA B 38 24.08 21.38 -18.10
N HIS B 39 23.27 22.26 -18.67
CA HIS B 39 21.85 22.01 -18.85
C HIS B 39 21.50 20.87 -19.82
N ARG B 40 22.40 20.58 -20.76
CA ARG B 40 22.17 19.52 -21.76
C ARG B 40 21.86 18.17 -21.14
N ALA B 41 22.54 17.85 -20.05
CA ALA B 41 22.33 16.57 -19.37
C ALA B 41 21.05 16.56 -18.55
N GLY B 42 20.51 17.74 -18.25
CA GLY B 42 19.29 17.84 -17.45
C GLY B 42 19.59 17.81 -15.97
N LEU B 43 20.83 17.50 -15.61
CA LEU B 43 21.24 17.40 -14.22
C LEU B 43 22.69 17.79 -14.07
N ALA B 44 23.01 18.53 -13.01
CA ALA B 44 24.39 18.94 -12.76
C ALA B 44 24.71 18.86 -11.27
N LYS B 45 25.97 18.64 -10.93
CA LYS B 45 26.35 18.60 -9.54
C LYS B 45 27.22 19.80 -9.25
N VAL B 46 27.04 20.40 -8.07
CA VAL B 46 27.82 21.56 -7.68
C VAL B 46 28.39 21.36 -6.27
N VAL B 47 29.70 21.19 -6.16
CA VAL B 47 30.35 21.02 -4.86
C VAL B 47 30.73 22.42 -4.39
N PRO B 48 30.16 22.86 -3.26
CA PRO B 48 30.44 24.20 -2.72
C PRO B 48 31.84 24.31 -2.12
N PRO B 49 32.42 25.53 -2.12
CA PRO B 49 33.75 25.68 -1.54
C PRO B 49 33.80 25.04 -0.15
N LYS B 50 34.82 24.22 0.09
CA LYS B 50 34.99 23.46 1.33
C LYS B 50 34.74 24.16 2.66
N GLU B 51 34.98 25.47 2.73
CA GLU B 51 34.78 26.18 3.99
C GLU B 51 33.37 26.75 4.15
N TRP B 52 32.49 26.39 3.21
CA TRP B 52 31.11 26.84 3.25
C TRP B 52 30.22 25.84 3.96
N LYS B 53 29.41 26.33 4.90
CA LYS B 53 28.48 25.50 5.65
C LYS B 53 27.18 26.28 5.90
N PRO B 54 26.02 25.63 5.79
CA PRO B 54 24.78 26.36 6.02
C PRO B 54 24.24 26.12 7.43
N ARG B 55 24.94 25.28 8.18
CA ARG B 55 24.53 24.96 9.53
C ARG B 55 25.70 24.46 10.36
N ALA B 56 25.69 24.77 11.66
CA ALA B 56 26.75 24.37 12.58
C ALA B 56 26.78 22.85 12.73
N SER B 57 25.65 22.28 13.14
CA SER B 57 25.52 20.85 13.32
C SER B 57 24.05 20.47 13.34
N TYR B 58 23.77 19.18 13.19
CA TYR B 58 22.41 18.66 13.17
C TYR B 58 22.10 17.70 14.33
N ASP B 59 22.52 18.03 15.55
CA ASP B 59 22.23 17.15 16.68
C ASP B 59 20.98 17.64 17.39
N ASP B 60 20.46 18.77 16.90
CA ASP B 60 19.26 19.40 17.45
C ASP B 60 17.98 18.93 16.78
N ILE B 61 18.08 18.56 15.51
CA ILE B 61 16.90 18.13 14.74
C ILE B 61 16.31 16.77 15.14
N ASP B 62 16.87 16.11 16.14
CA ASP B 62 16.34 14.81 16.53
C ASP B 62 14.88 14.93 16.97
N ASP B 63 14.47 16.17 17.21
CA ASP B 63 13.13 16.50 17.67
C ASP B 63 12.14 16.80 16.56
N LEU B 64 12.63 17.44 15.49
CA LEU B 64 11.82 17.82 14.33
C LEU B 64 10.71 16.83 14.00
N VAL B 65 9.53 17.38 13.71
CA VAL B 65 8.36 16.59 13.37
C VAL B 65 8.19 16.40 11.86
N ILE B 66 8.01 15.15 11.45
CA ILE B 66 7.75 14.79 10.06
C ILE B 66 6.25 14.58 10.13
N PRO B 67 5.47 15.61 9.82
CA PRO B 67 4.01 15.43 9.90
C PRO B 67 3.38 14.36 9.03
N ALA B 68 3.86 14.19 7.80
CA ALA B 68 3.27 13.20 6.90
C ALA B 68 4.20 12.17 6.26
N PRO B 69 4.88 11.34 7.07
CA PRO B 69 5.76 10.33 6.47
C PRO B 69 4.95 9.42 5.55
N ILE B 70 5.60 8.80 4.57
CA ILE B 70 4.90 7.90 3.63
C ILE B 70 5.63 6.57 3.45
N GLN B 71 4.85 5.50 3.31
CA GLN B 71 5.40 4.17 3.11
C GLN B 71 5.31 3.91 1.61
N GLN B 72 6.45 3.57 1.00
CA GLN B 72 6.52 3.34 -0.44
C GLN B 72 6.33 1.89 -0.90
N LEU B 73 5.11 1.54 -1.27
CA LEU B 73 4.81 0.21 -1.78
C LEU B 73 5.03 0.25 -3.28
N VAL B 74 5.79 -0.70 -3.79
CA VAL B 74 6.09 -0.75 -5.21
C VAL B 74 5.61 -2.04 -5.83
N THR B 75 4.92 -1.94 -6.96
CA THR B 75 4.44 -3.11 -7.64
C THR B 75 4.99 -3.09 -9.07
N GLY B 76 5.45 -4.23 -9.54
CA GLY B 76 5.97 -4.29 -10.89
C GLY B 76 6.96 -5.41 -11.12
N GLN B 77 7.47 -5.47 -12.35
CA GLN B 77 8.42 -6.51 -12.73
C GLN B 77 9.15 -6.09 -14.00
N SER B 78 10.24 -6.78 -14.32
CA SER B 78 11.00 -6.50 -15.53
C SER B 78 11.39 -5.03 -15.77
N GLY B 79 11.80 -4.33 -14.70
CA GLY B 79 12.22 -2.95 -14.86
C GLY B 79 11.16 -1.87 -14.96
N LEU B 80 9.88 -2.24 -14.87
CA LEU B 80 8.81 -1.27 -14.92
C LEU B 80 7.96 -1.37 -13.66
N PHE B 81 7.83 -0.27 -12.93
CA PHE B 81 7.07 -0.30 -11.68
C PHE B 81 6.18 0.91 -11.45
N THR B 82 5.23 0.75 -10.54
CA THR B 82 4.34 1.84 -10.15
C THR B 82 4.48 1.91 -8.63
N GLN B 83 4.73 3.10 -8.12
CA GLN B 83 4.90 3.32 -6.70
C GLN B 83 3.65 3.94 -6.08
N TYR B 84 3.18 3.32 -5.01
CA TYR B 84 2.00 3.82 -4.29
C TYR B 84 2.44 4.34 -2.93
N ASN B 85 2.16 5.60 -2.65
CA ASN B 85 2.54 6.18 -1.38
C ASN B 85 1.44 6.09 -0.34
N ILE B 86 1.70 5.35 0.74
CA ILE B 86 0.74 5.20 1.83
C ILE B 86 1.15 6.15 2.95
N GLN B 87 0.22 6.96 3.46
CA GLN B 87 0.59 7.90 4.52
C GLN B 87 0.59 7.27 5.92
N LYS B 88 1.61 7.62 6.72
CA LYS B 88 1.75 7.09 8.08
C LYS B 88 1.63 8.23 9.09
N LYS B 89 1.24 7.92 10.32
CA LYS B 89 1.11 8.96 11.34
C LYS B 89 2.42 9.72 11.51
N ALA B 90 2.33 10.96 11.98
CA ALA B 90 3.52 11.75 12.18
C ALA B 90 4.53 11.01 13.04
N MET B 91 5.78 11.48 12.99
CA MET B 91 6.86 10.90 13.77
C MET B 91 8.02 11.89 13.80
N THR B 92 8.95 11.65 14.72
CA THR B 92 10.11 12.53 14.88
C THR B 92 11.28 11.93 14.15
N VAL B 93 12.31 12.74 13.96
CA VAL B 93 13.52 12.27 13.28
C VAL B 93 14.11 11.06 14.00
N ARG B 94 13.98 11.02 15.33
CA ARG B 94 14.55 9.91 16.10
C ARG B 94 13.84 8.61 15.74
N GLU B 95 12.51 8.64 15.74
CA GLU B 95 11.73 7.45 15.42
C GLU B 95 12.06 6.97 14.01
N PHE B 96 12.25 7.93 13.11
CA PHE B 96 12.58 7.66 11.71
C PHE B 96 13.99 7.11 11.59
N ARG B 97 14.95 7.81 12.18
CA ARG B 97 16.34 7.38 12.18
C ARG B 97 16.42 5.97 12.77
N LYS B 98 15.64 5.74 13.83
CA LYS B 98 15.62 4.45 14.49
C LYS B 98 15.23 3.33 13.53
N ILE B 99 14.14 3.54 12.79
CA ILE B 99 13.68 2.52 11.85
C ILE B 99 14.63 2.42 10.66
N ALA B 100 15.14 3.58 10.23
CA ALA B 100 16.06 3.65 9.08
C ALA B 100 17.35 2.88 9.36
N ASN B 101 17.81 2.92 10.61
CA ASN B 101 19.03 2.21 10.99
C ASN B 101 18.77 0.80 11.46
N SER B 102 17.53 0.53 11.85
CA SER B 102 17.18 -0.82 12.30
C SER B 102 17.71 -1.82 11.28
N ASP B 103 17.95 -3.05 11.71
CA ASP B 103 18.47 -4.10 10.83
C ASP B 103 17.42 -4.55 9.81
N LYS B 104 16.18 -4.08 9.97
CA LYS B 104 15.08 -4.43 9.07
C LYS B 104 15.05 -3.55 7.80
N TYR B 105 15.32 -2.25 7.98
CA TYR B 105 15.32 -1.30 6.88
C TYR B 105 16.71 -0.72 6.65
N CYS B 106 17.69 -1.32 7.28
CA CYS B 106 19.06 -0.89 7.17
C CYS B 106 19.65 -1.11 5.76
N THR B 107 20.63 -0.27 5.40
CA THR B 107 21.30 -0.38 4.10
C THR B 107 22.07 -1.70 4.03
N PRO B 108 21.94 -2.45 2.92
CA PRO B 108 22.67 -3.71 2.82
C PRO B 108 24.18 -3.49 2.58
N ARG B 109 24.95 -4.58 2.68
CA ARG B 109 26.38 -4.49 2.47
C ARG B 109 26.66 -4.57 0.98
N TYR B 110 27.80 -4.04 0.57
CA TYR B 110 28.16 -4.07 -0.83
C TYR B 110 29.56 -3.49 -1.02
N SER B 111 30.12 -3.72 -2.21
CA SER B 111 31.45 -3.23 -2.52
C SER B 111 31.38 -1.96 -3.36
N GLU B 112 31.02 -2.10 -4.63
CA GLU B 112 30.93 -0.98 -5.55
C GLU B 112 29.49 -0.53 -5.79
N PHE B 113 29.31 0.77 -6.10
CA PHE B 113 27.97 1.30 -6.35
C PHE B 113 27.19 0.39 -7.29
N GLU B 114 27.87 -0.12 -8.32
CA GLU B 114 27.24 -1.01 -9.29
C GLU B 114 26.43 -2.11 -8.58
N GLU B 115 26.98 -2.63 -7.49
CA GLU B 115 26.31 -3.69 -6.73
C GLU B 115 25.16 -3.14 -5.87
N LEU B 116 25.35 -1.98 -5.25
CA LEU B 116 24.28 -1.40 -4.43
C LEU B 116 23.10 -1.08 -5.36
N GLU B 117 23.43 -0.70 -6.59
CA GLU B 117 22.42 -0.36 -7.60
C GLU B 117 21.67 -1.61 -8.04
N ARG B 118 22.39 -2.71 -8.23
CA ARG B 118 21.73 -3.95 -8.63
C ARG B 118 20.78 -4.37 -7.49
N LYS B 119 21.19 -4.20 -6.25
CA LYS B 119 20.32 -4.59 -5.14
C LYS B 119 19.07 -3.73 -5.08
N TYR B 120 19.20 -2.44 -5.42
CA TYR B 120 18.05 -1.57 -5.42
C TYR B 120 16.99 -2.09 -6.40
N TRP B 121 17.38 -2.30 -7.65
CA TRP B 121 16.45 -2.77 -8.66
C TRP B 121 15.96 -4.21 -8.47
N LYS B 122 16.64 -4.97 -7.61
CA LYS B 122 16.22 -6.33 -7.37
C LYS B 122 15.21 -6.38 -6.23
N ASN B 123 15.38 -5.49 -5.25
CA ASN B 123 14.52 -5.46 -4.08
C ASN B 123 13.56 -4.26 -3.85
N LEU B 124 13.42 -3.35 -4.80
CA LEU B 124 12.55 -2.20 -4.55
C LEU B 124 11.10 -2.55 -4.26
N THR B 125 10.62 -3.73 -4.66
CA THR B 125 9.24 -4.10 -4.37
C THR B 125 9.10 -4.85 -3.04
N PHE B 126 10.21 -5.12 -2.36
CA PHE B 126 10.16 -5.83 -1.07
C PHE B 126 10.43 -4.86 0.07
N ASN B 127 9.93 -5.19 1.25
CA ASN B 127 10.18 -4.35 2.42
C ASN B 127 9.91 -2.86 2.26
N PRO B 128 8.68 -2.48 1.90
CA PRO B 128 8.30 -1.07 1.71
C PRO B 128 8.89 -0.15 2.78
N PRO B 129 9.85 0.71 2.40
CA PRO B 129 10.51 1.66 3.31
C PRO B 129 9.65 2.89 3.59
N ILE B 130 10.09 3.70 4.55
CA ILE B 130 9.38 4.91 4.90
C ILE B 130 10.20 6.10 4.47
N TYR B 131 9.54 7.08 3.87
CA TYR B 131 10.21 8.28 3.39
C TYR B 131 9.57 9.50 4.04
N GLY B 132 10.36 10.20 4.83
CA GLY B 132 9.85 11.39 5.49
C GLY B 132 10.01 12.53 4.51
N ALA B 133 9.17 12.53 3.48
CA ALA B 133 9.28 13.54 2.45
C ALA B 133 8.33 14.75 2.51
N ASP B 134 8.70 15.75 1.72
CA ASP B 134 7.95 16.99 1.59
C ASP B 134 7.61 17.64 2.93
N VAL B 135 8.62 17.75 3.79
CA VAL B 135 8.45 18.38 5.09
C VAL B 135 8.75 19.87 4.97
N ASN B 136 7.76 20.70 5.25
CA ASN B 136 7.94 22.15 5.16
C ASN B 136 8.96 22.62 6.16
N GLY B 137 9.89 23.46 5.69
CA GLY B 137 10.93 23.98 6.56
C GLY B 137 12.32 23.97 5.95
N THR B 138 13.27 24.58 6.65
CA THR B 138 14.64 24.63 6.17
C THR B 138 15.61 24.27 7.29
N LEU B 139 16.85 23.91 6.95
CA LEU B 139 17.86 23.59 7.96
C LEU B 139 19.00 24.59 7.83
N TYR B 140 18.78 25.59 7.00
CA TYR B 140 19.80 26.61 6.80
C TYR B 140 19.75 27.57 7.97
N GLU B 141 20.89 28.16 8.29
CA GLU B 141 20.93 29.14 9.37
C GLU B 141 20.57 30.50 8.77
N LYS B 142 19.73 31.22 9.49
CA LYS B 142 19.24 32.54 9.10
C LYS B 142 20.25 33.49 8.49
N HIS B 143 21.53 33.33 8.80
CA HIS B 143 22.56 34.23 8.28
C HIS B 143 23.26 33.83 6.99
N VAL B 144 23.04 32.60 6.53
CA VAL B 144 23.69 32.12 5.31
C VAL B 144 23.07 32.76 4.08
N ASP B 145 23.84 33.57 3.35
CA ASP B 145 23.33 34.25 2.15
C ASP B 145 23.78 33.63 0.83
N GLU B 146 24.60 32.57 0.89
CA GLU B 146 25.06 31.91 -0.33
C GLU B 146 24.23 30.65 -0.57
N TRP B 147 23.60 30.55 -1.73
CA TRP B 147 22.79 29.39 -2.08
C TRP B 147 21.83 28.97 -0.98
N ASN B 148 21.16 29.93 -0.37
CA ASN B 148 20.20 29.63 0.69
C ASN B 148 18.92 29.23 -0.02
N ILE B 149 18.59 27.95 0.05
CA ILE B 149 17.39 27.40 -0.59
C ILE B 149 16.12 28.12 -0.19
N GLY B 150 16.17 28.85 0.92
CA GLY B 150 14.99 29.57 1.39
C GLY B 150 14.82 30.94 0.75
N ARG B 151 15.87 31.47 0.14
CA ARG B 151 15.81 32.77 -0.50
C ARG B 151 16.86 32.86 -1.61
N LEU B 152 16.61 32.18 -2.73
CA LEU B 152 17.55 32.19 -3.84
C LEU B 152 17.53 33.47 -4.68
N ARG B 153 16.43 34.20 -4.61
CA ARG B 153 16.29 35.47 -5.34
C ARG B 153 16.25 35.35 -6.87
N THR B 154 15.52 34.37 -7.39
CA THR B 154 15.43 34.22 -8.84
C THR B 154 14.09 34.82 -9.26
N ILE B 155 13.88 34.98 -10.57
CA ILE B 155 12.64 35.55 -11.04
C ILE B 155 11.40 34.72 -10.67
N LEU B 156 11.59 33.56 -10.03
CA LEU B 156 10.45 32.75 -9.63
C LEU B 156 9.73 33.50 -8.51
N ASP B 157 10.46 34.38 -7.83
CA ASP B 157 9.86 35.17 -6.76
C ASP B 157 8.67 35.98 -7.28
N LEU B 158 8.68 36.35 -8.57
CA LEU B 158 7.58 37.12 -9.16
C LEU B 158 6.21 36.51 -8.93
N VAL B 159 6.15 35.21 -8.68
CA VAL B 159 4.86 34.57 -8.44
C VAL B 159 4.28 35.14 -7.16
N GLU B 160 5.10 35.12 -6.12
CA GLU B 160 4.76 35.63 -4.79
C GLU B 160 4.61 37.17 -4.79
N LYS B 161 5.64 37.84 -5.30
CA LYS B 161 5.71 39.30 -5.41
C LYS B 161 4.44 39.89 -6.07
N GLU B 162 4.06 39.31 -7.20
CA GLU B 162 2.91 39.73 -7.99
C GLU B 162 1.56 39.23 -7.53
N SER B 163 1.53 38.14 -6.74
CA SER B 163 0.24 37.60 -6.32
C SER B 163 0.08 37.12 -4.87
N GLY B 164 1.19 37.08 -4.13
CA GLY B 164 1.13 36.62 -2.75
C GLY B 164 0.87 35.13 -2.63
N ILE B 165 0.80 34.44 -3.78
CA ILE B 165 0.55 33.01 -3.79
C ILE B 165 1.78 32.18 -3.37
N THR B 166 1.55 31.31 -2.37
CA THR B 166 2.58 30.43 -1.84
C THR B 166 2.31 29.01 -2.32
N ILE B 167 3.34 28.37 -2.86
CA ILE B 167 3.23 27.00 -3.36
C ILE B 167 4.28 26.18 -2.61
N GLU B 168 3.88 25.58 -1.49
CA GLU B 168 4.79 24.78 -0.67
C GLU B 168 5.66 23.80 -1.46
N GLY B 169 6.96 23.89 -1.25
CA GLY B 169 7.89 23.02 -1.95
C GLY B 169 8.37 23.60 -3.27
N VAL B 170 7.55 24.45 -3.89
CA VAL B 170 7.90 25.08 -5.16
C VAL B 170 8.63 26.38 -4.91
N ASN B 171 7.99 27.33 -4.23
CA ASN B 171 8.66 28.58 -3.91
C ASN B 171 8.87 28.72 -2.39
N THR B 172 8.94 27.57 -1.72
CA THR B 172 9.23 27.49 -0.28
C THR B 172 10.07 26.21 -0.15
N PRO B 173 10.92 26.14 0.88
CA PRO B 173 11.79 24.97 1.08
C PRO B 173 11.10 23.70 1.59
N TYR B 174 11.66 22.56 1.20
CA TYR B 174 11.14 21.24 1.57
C TYR B 174 12.29 20.37 2.10
N LEU B 175 12.01 19.56 3.11
CA LEU B 175 13.03 18.68 3.68
C LEU B 175 12.63 17.24 3.39
N TYR B 176 13.62 16.41 3.07
CA TYR B 176 13.39 15.00 2.80
C TYR B 176 14.32 14.15 3.66
N PHE B 177 13.74 13.24 4.42
CA PHE B 177 14.50 12.34 5.26
C PHE B 177 14.32 10.97 4.64
N GLY B 178 15.39 10.39 4.11
CA GLY B 178 15.24 9.10 3.48
C GLY B 178 16.00 7.98 4.16
N MET B 179 15.72 6.75 3.74
CA MET B 179 16.40 5.58 4.26
C MET B 179 16.72 4.72 3.04
N TRP B 180 17.34 3.57 3.26
CA TRP B 180 17.69 2.69 2.15
C TRP B 180 16.44 2.38 1.32
N LYS B 181 16.62 2.32 0.01
CA LYS B 181 15.56 2.03 -0.96
C LYS B 181 14.44 3.05 -1.15
N THR B 182 14.44 4.17 -0.43
CA THR B 182 13.38 5.14 -0.68
C THR B 182 13.73 5.75 -2.03
N SER B 183 12.73 6.04 -2.84
CA SER B 183 13.05 6.60 -4.14
C SER B 183 12.11 7.65 -4.69
N PHE B 184 12.58 8.35 -5.72
CA PHE B 184 11.78 9.37 -6.38
C PHE B 184 11.63 8.97 -7.83
N ALA B 185 10.38 8.85 -8.25
CA ALA B 185 10.02 8.42 -9.60
C ALA B 185 10.42 9.41 -10.70
N TRP B 186 10.37 8.93 -11.94
CA TRP B 186 10.73 9.75 -13.10
C TRP B 186 9.79 10.94 -13.22
N HIS B 187 10.36 12.12 -13.37
CA HIS B 187 9.56 13.33 -13.47
C HIS B 187 10.40 14.55 -13.76
N THR B 188 9.74 15.62 -14.20
CA THR B 188 10.38 16.90 -14.41
C THR B 188 9.70 17.76 -13.33
N GLU B 189 10.28 18.89 -12.99
CA GLU B 189 9.67 19.74 -11.97
C GLU B 189 8.33 20.27 -12.43
N ASP B 190 7.52 20.76 -11.47
CA ASP B 190 6.23 21.35 -11.79
C ASP B 190 6.49 22.56 -12.72
N MET B 191 5.68 22.70 -13.76
CA MET B 191 5.85 23.81 -14.70
C MET B 191 7.22 23.74 -15.36
N ASP B 192 7.83 22.57 -15.31
CA ASP B 192 9.15 22.32 -15.86
C ASP B 192 10.21 23.32 -15.39
N LEU B 193 10.15 23.67 -14.12
CA LEU B 193 11.11 24.61 -13.53
C LEU B 193 12.44 23.92 -13.23
N TYR B 194 13.38 24.71 -12.72
CA TYR B 194 14.69 24.20 -12.30
C TYR B 194 14.43 23.71 -10.88
N SER B 195 15.32 22.89 -10.35
CA SER B 195 15.21 22.48 -8.95
C SER B 195 16.61 22.49 -8.38
N ILE B 196 16.71 22.66 -7.07
CA ILE B 196 18.00 22.69 -6.41
C ILE B 196 17.86 21.72 -5.27
N ASN B 197 18.89 20.91 -5.03
CA ASN B 197 18.83 19.93 -3.98
C ASN B 197 20.14 19.84 -3.24
N TYR B 198 20.06 20.08 -1.93
CA TYR B 198 21.23 20.01 -1.08
C TYR B 198 21.10 18.85 -0.10
N LEU B 199 22.10 18.00 -0.09
CA LEU B 199 22.09 16.85 0.81
C LEU B 199 22.81 17.29 2.09
N HIS B 200 22.03 17.58 3.13
CA HIS B 200 22.58 18.04 4.41
C HIS B 200 23.47 17.03 5.09
N PHE B 201 23.04 15.78 5.16
CA PHE B 201 23.85 14.77 5.82
C PHE B 201 23.35 13.35 5.60
N GLY B 202 24.19 12.37 5.93
CA GLY B 202 23.76 10.99 5.80
C GLY B 202 24.34 10.23 4.64
N GLU B 203 23.69 9.13 4.27
CA GLU B 203 24.14 8.33 3.14
C GLU B 203 23.85 9.09 1.83
N PRO B 204 24.52 8.69 0.73
CA PRO B 204 24.32 9.34 -0.57
C PRO B 204 22.95 9.14 -1.21
N LYS B 205 22.69 9.96 -2.23
CA LYS B 205 21.49 9.91 -3.02
C LYS B 205 21.94 9.77 -4.50
N SER B 206 21.52 8.71 -5.15
CA SER B 206 21.88 8.52 -6.54
C SER B 206 20.78 8.99 -7.47
N TRP B 207 21.20 9.57 -8.59
CA TRP B 207 20.30 10.12 -9.59
C TRP B 207 20.47 9.54 -10.98
N TYR B 208 19.36 9.50 -11.70
CA TYR B 208 19.33 9.07 -13.10
C TYR B 208 18.77 10.30 -13.80
N SER B 209 19.27 10.59 -14.99
CA SER B 209 18.79 11.77 -15.70
C SER B 209 18.75 11.60 -17.22
N VAL B 210 17.70 12.13 -17.84
CA VAL B 210 17.57 12.07 -19.30
C VAL B 210 17.69 13.48 -19.83
N PRO B 211 18.56 13.69 -20.82
CA PRO B 211 18.73 15.03 -21.39
C PRO B 211 17.40 15.59 -21.87
N PRO B 212 17.14 16.88 -21.58
CA PRO B 212 15.90 17.55 -22.00
C PRO B 212 15.67 17.33 -23.49
N GLU B 213 16.78 17.33 -24.22
CA GLU B 213 16.82 17.11 -25.64
C GLU B 213 16.12 15.80 -26.04
N HIS B 214 16.08 14.83 -25.12
CA HIS B 214 15.44 13.55 -25.39
C HIS B 214 14.24 13.28 -24.48
N GLY B 215 13.78 14.30 -23.79
CA GLY B 215 12.64 14.15 -22.90
C GLY B 215 11.44 13.49 -23.53
N LYS B 216 11.02 13.96 -24.70
CA LYS B 216 9.86 13.38 -25.36
C LYS B 216 10.00 11.89 -25.68
N ARG B 217 11.22 11.43 -25.90
CA ARG B 217 11.37 10.01 -26.21
C ARG B 217 11.09 9.21 -24.95
N LEU B 218 11.49 9.74 -23.80
CA LEU B 218 11.22 9.05 -22.55
C LEU B 218 9.71 9.00 -22.34
N GLU B 219 9.03 10.09 -22.67
CA GLU B 219 7.57 10.16 -22.51
C GLU B 219 6.82 9.17 -23.39
N ARG B 220 7.29 8.98 -24.62
CA ARG B 220 6.65 8.04 -25.55
C ARG B 220 6.84 6.62 -25.04
N LEU B 221 8.02 6.33 -24.52
CA LEU B 221 8.29 5.00 -23.99
C LEU B 221 7.34 4.76 -22.82
N ALA B 222 7.30 5.71 -21.89
CA ALA B 222 6.42 5.60 -20.72
C ALA B 222 4.96 5.40 -21.13
N LYS B 223 4.50 6.17 -22.12
CA LYS B 223 3.12 6.04 -22.59
C LYS B 223 2.84 4.61 -23.06
N GLY B 224 3.78 4.03 -23.78
CA GLY B 224 3.61 2.68 -24.26
C GLY B 224 3.58 1.63 -23.15
N PHE B 225 4.38 1.84 -22.12
CA PHE B 225 4.42 0.89 -21.00
C PHE B 225 3.19 1.01 -20.12
N PHE B 226 2.63 2.20 -20.01
CA PHE B 226 1.45 2.40 -19.18
C PHE B 226 0.37 3.10 -19.97
N PRO B 227 -0.15 2.46 -21.02
CA PRO B 227 -1.19 3.04 -21.86
C PRO B 227 -2.43 3.44 -21.08
N GLY B 228 -2.75 2.65 -20.05
CA GLY B 228 -3.90 2.96 -19.23
C GLY B 228 -3.75 4.33 -18.58
N SER B 229 -2.58 4.58 -17.99
CA SER B 229 -2.35 5.86 -17.33
C SER B 229 -2.25 7.02 -18.31
N ALA B 230 -1.57 6.78 -19.43
CA ALA B 230 -1.42 7.81 -20.42
C ALA B 230 -2.76 8.34 -20.87
N GLN B 231 -3.71 7.44 -21.10
CA GLN B 231 -5.01 7.90 -21.58
C GLN B 231 -5.91 8.58 -20.55
N SER B 232 -5.67 8.41 -19.26
CA SER B 232 -6.52 9.08 -18.28
C SER B 232 -5.87 10.41 -17.88
N CYS B 233 -4.64 10.59 -18.32
CA CYS B 233 -3.87 11.79 -18.05
C CYS B 233 -2.58 11.80 -18.87
N GLU B 234 -2.51 12.65 -19.89
CA GLU B 234 -1.31 12.74 -20.72
C GLU B 234 -0.04 12.91 -19.87
N ALA B 235 -0.08 13.87 -18.94
CA ALA B 235 1.07 14.12 -18.09
C ALA B 235 1.07 13.24 -16.83
N PHE B 236 0.76 11.95 -16.99
CA PHE B 236 0.71 11.03 -15.85
C PHE B 236 2.03 10.89 -15.09
N LEU B 237 3.17 11.11 -15.77
CA LEU B 237 4.45 11.02 -15.09
C LEU B 237 4.54 12.04 -13.94
N ARG B 238 3.79 13.14 -14.04
CA ARG B 238 3.83 14.14 -12.97
C ARG B 238 3.23 13.60 -11.68
N HIS B 239 2.56 12.45 -11.77
CA HIS B 239 1.96 11.83 -10.60
C HIS B 239 3.08 11.31 -9.68
N LYS B 240 4.29 11.23 -10.23
CA LYS B 240 5.46 10.77 -9.51
C LYS B 240 5.29 9.38 -8.94
N MET B 241 4.77 8.46 -9.76
CA MET B 241 4.54 7.09 -9.35
C MET B 241 5.23 6.10 -10.26
N THR B 242 5.83 6.58 -11.33
CA THR B 242 6.46 5.69 -12.29
C THR B 242 7.95 5.47 -12.16
N LEU B 243 8.35 4.21 -11.98
CA LEU B 243 9.76 3.86 -11.88
C LEU B 243 10.17 3.04 -13.10
N ILE B 244 11.31 3.38 -13.68
CA ILE B 244 11.81 2.68 -14.86
C ILE B 244 13.30 2.49 -14.66
N SER B 245 13.77 1.26 -14.77
CA SER B 245 15.18 0.95 -14.55
C SER B 245 16.08 1.36 -15.68
N PRO B 246 17.36 1.61 -15.39
CA PRO B 246 18.33 2.01 -16.41
C PRO B 246 18.45 0.95 -17.50
N LEU B 247 18.30 -0.32 -17.12
CA LEU B 247 18.37 -1.39 -18.09
C LEU B 247 17.25 -1.26 -19.12
N MET B 248 16.05 -0.89 -18.68
CA MET B 248 14.95 -0.72 -19.61
C MET B 248 15.23 0.46 -20.53
N LEU B 249 15.77 1.54 -19.96
CA LEU B 249 16.11 2.71 -20.74
C LEU B 249 17.11 2.34 -21.82
N LYS B 250 18.14 1.61 -21.43
CA LYS B 250 19.20 1.16 -22.33
C LYS B 250 18.61 0.33 -23.46
N LYS B 251 17.76 -0.63 -23.10
CA LYS B 251 17.12 -1.51 -24.07
C LYS B 251 16.29 -0.75 -25.11
N TYR B 252 15.70 0.38 -24.74
CA TYR B 252 14.90 1.11 -25.72
C TYR B 252 15.58 2.32 -26.33
N GLY B 253 16.90 2.38 -26.23
CA GLY B 253 17.65 3.46 -26.82
C GLY B 253 17.50 4.85 -26.22
N ILE B 254 16.99 4.95 -25.00
CA ILE B 254 16.83 6.27 -24.39
C ILE B 254 18.10 6.68 -23.65
N PRO B 255 18.76 7.75 -24.13
CA PRO B 255 19.99 8.22 -23.48
C PRO B 255 19.75 8.75 -22.08
N PHE B 256 20.70 8.45 -21.19
CA PHE B 256 20.63 8.88 -19.81
C PHE B 256 22.02 8.80 -19.21
N ASP B 257 22.17 9.39 -18.04
CA ASP B 257 23.44 9.35 -17.34
C ASP B 257 23.09 9.19 -15.86
N LYS B 258 24.06 8.76 -15.05
CA LYS B 258 23.81 8.59 -13.63
C LYS B 258 24.86 9.32 -12.81
N VAL B 259 24.50 9.64 -11.58
CA VAL B 259 25.42 10.33 -10.70
C VAL B 259 24.97 10.08 -9.27
N THR B 260 25.94 10.09 -8.35
CA THR B 260 25.63 9.87 -6.95
C THR B 260 26.01 11.14 -6.21
N GLN B 261 25.07 11.69 -5.46
CA GLN B 261 25.26 12.91 -4.69
C GLN B 261 25.67 12.60 -3.24
N GLU B 262 26.80 13.16 -2.81
CA GLU B 262 27.32 12.94 -1.46
C GLU B 262 26.88 14.05 -0.50
N ALA B 263 26.94 13.79 0.79
CA ALA B 263 26.56 14.81 1.78
C ALA B 263 27.36 16.10 1.50
N GLY B 264 26.72 17.25 1.68
CA GLY B 264 27.40 18.52 1.45
C GLY B 264 27.47 18.92 -0.02
N GLU B 265 26.76 18.19 -0.86
CA GLU B 265 26.77 18.49 -2.29
C GLU B 265 25.42 18.94 -2.80
N PHE B 266 25.44 19.82 -3.80
CA PHE B 266 24.24 20.34 -4.43
C PHE B 266 23.96 19.65 -5.76
N MET B 267 22.69 19.43 -6.05
CA MET B 267 22.29 18.85 -7.32
C MET B 267 21.30 19.85 -7.91
N ILE B 268 21.44 20.10 -9.20
CA ILE B 268 20.59 21.05 -9.91
C ILE B 268 19.93 20.38 -11.12
N THR B 269 18.60 20.39 -11.16
CA THR B 269 17.93 19.80 -12.32
C THR B 269 17.50 20.98 -13.19
N PHE B 270 17.52 20.77 -14.50
CA PHE B 270 17.14 21.83 -15.43
C PHE B 270 15.77 21.65 -16.06
N PRO B 271 15.20 22.74 -16.59
CA PRO B 271 13.87 22.70 -17.21
C PRO B 271 13.70 21.55 -18.19
N TYR B 272 12.66 20.76 -17.94
CA TYR B 272 12.32 19.61 -18.75
C TYR B 272 13.33 18.46 -18.68
N GLY B 273 14.16 18.48 -17.65
CA GLY B 273 15.10 17.41 -17.46
C GLY B 273 14.44 16.32 -16.64
N TYR B 274 14.23 15.15 -17.22
CA TYR B 274 13.62 14.05 -16.49
C TYR B 274 14.65 13.40 -15.56
N HIS B 275 14.25 13.11 -14.33
CA HIS B 275 15.15 12.45 -13.41
C HIS B 275 14.43 11.56 -12.44
N ALA B 276 15.19 10.65 -11.85
CA ALA B 276 14.68 9.68 -10.90
C ALA B 276 15.86 9.14 -10.09
N GLY B 277 15.60 8.56 -8.93
CA GLY B 277 16.69 8.04 -8.14
C GLY B 277 16.27 7.34 -6.88
N PHE B 278 17.25 7.12 -5.99
CA PHE B 278 17.01 6.47 -4.70
C PHE B 278 18.08 6.83 -3.65
N ASN B 279 17.72 6.71 -2.38
CA ASN B 279 18.62 7.02 -1.28
C ASN B 279 19.36 5.75 -0.83
N HIS B 280 20.63 5.89 -0.48
CA HIS B 280 21.47 4.77 -0.05
C HIS B 280 21.12 4.32 1.37
N GLY B 281 20.86 5.28 2.24
CA GLY B 281 20.51 4.99 3.62
C GLY B 281 19.96 6.22 4.27
N PHE B 282 20.01 6.28 5.60
CA PHE B 282 19.49 7.44 6.30
C PHE B 282 20.22 8.70 5.83
N ASN B 283 19.45 9.74 5.54
CA ASN B 283 20.00 11.02 5.11
C ASN B 283 18.96 12.12 5.18
N CYS B 284 19.37 13.33 4.88
CA CYS B 284 18.48 14.48 4.90
C CYS B 284 18.81 15.42 3.76
N ALA B 285 17.79 15.79 2.98
CA ALA B 285 17.99 16.69 1.86
C ALA B 285 16.95 17.78 1.87
N GLU B 286 17.35 18.98 1.47
CA GLU B 286 16.46 20.12 1.39
C GLU B 286 16.39 20.55 -0.08
N SER B 287 15.20 20.93 -0.55
CA SER B 287 15.05 21.37 -1.93
C SER B 287 13.92 22.35 -2.20
N THR B 288 13.95 22.93 -3.39
CA THR B 288 12.95 23.91 -3.84
C THR B 288 13.12 24.11 -5.34
N ASN B 289 12.20 24.81 -5.97
CA ASN B 289 12.28 25.08 -7.39
C ASN B 289 12.74 26.52 -7.53
N PHE B 290 13.23 26.87 -8.73
CA PHE B 290 13.65 28.22 -9.00
C PHE B 290 13.54 28.40 -10.50
N ALA B 291 13.69 29.64 -10.96
CA ALA B 291 13.56 29.92 -12.37
C ALA B 291 14.61 30.92 -12.85
N THR B 292 14.75 31.02 -14.17
CA THR B 292 15.69 31.95 -14.79
C THR B 292 14.95 32.37 -16.04
N ARG B 293 15.48 33.35 -16.77
CA ARG B 293 14.81 33.80 -17.99
C ARG B 293 14.61 32.70 -19.02
N ARG B 294 15.59 31.81 -19.11
CA ARG B 294 15.53 30.71 -20.07
C ARG B 294 14.34 29.77 -19.77
N TRP B 295 13.94 29.71 -18.50
CA TRP B 295 12.84 28.86 -18.11
C TRP B 295 11.50 29.28 -18.72
N ILE B 296 11.28 30.58 -18.82
CA ILE B 296 10.02 31.13 -19.34
C ILE B 296 9.38 30.37 -20.49
N GLU B 297 10.12 30.11 -21.56
CA GLU B 297 9.56 29.35 -22.68
C GLU B 297 9.10 27.96 -22.23
N TYR B 298 9.88 27.32 -21.37
CA TYR B 298 9.50 26.00 -20.89
C TYR B 298 8.20 26.09 -20.12
N GLY B 299 8.10 27.10 -19.25
CA GLY B 299 6.91 27.31 -18.46
C GLY B 299 5.66 27.50 -19.31
N LYS B 300 5.79 28.28 -20.38
CA LYS B 300 4.69 28.55 -21.28
C LYS B 300 4.23 27.28 -22.00
N GLN B 301 5.16 26.36 -22.23
CA GLN B 301 4.83 25.13 -22.93
C GLN B 301 4.69 23.85 -22.12
N ALA B 302 4.87 23.94 -20.82
CA ALA B 302 4.77 22.76 -19.96
C ALA B 302 3.41 22.06 -20.12
N VAL B 303 3.42 20.74 -20.28
CA VAL B 303 2.18 19.97 -20.38
C VAL B 303 1.82 19.60 -18.95
N LEU B 304 0.67 20.08 -18.47
CA LEU B 304 0.29 19.82 -17.08
C LEU B 304 -0.74 18.70 -16.89
N CYS B 305 -0.76 18.15 -15.68
CA CYS B 305 -1.69 17.08 -15.34
C CYS B 305 -3.03 17.76 -15.05
N SER B 306 -4.09 17.21 -15.62
CA SER B 306 -5.40 17.82 -15.38
C SER B 306 -6.32 16.94 -14.56
N CYS B 307 -5.97 15.65 -14.46
CA CYS B 307 -6.79 14.65 -13.76
C CYS B 307 -6.84 14.79 -12.23
N ARG B 308 -5.94 15.58 -11.66
CA ARG B 308 -5.93 15.78 -10.22
C ARG B 308 -6.15 17.25 -10.01
N LYS B 309 -6.89 17.62 -8.96
CA LYS B 309 -7.13 19.04 -8.77
C LYS B 309 -6.51 19.59 -7.50
N ASP B 310 -5.20 19.77 -7.56
CA ASP B 310 -4.42 20.29 -6.46
C ASP B 310 -3.00 20.40 -6.99
N MET B 311 -2.85 20.10 -8.27
CA MET B 311 -1.55 20.13 -8.94
C MET B 311 -1.04 21.56 -9.08
N VAL B 312 0.28 21.70 -9.09
CA VAL B 312 0.89 23.02 -9.21
C VAL B 312 0.59 23.62 -10.58
N LYS B 313 0.07 24.85 -10.55
CA LYS B 313 -0.26 25.59 -11.75
C LYS B 313 0.24 27.01 -11.53
N ILE B 314 1.02 27.52 -12.46
CA ILE B 314 1.52 28.88 -12.33
C ILE B 314 1.11 29.66 -13.56
N SER B 315 0.55 30.85 -13.33
CA SER B 315 0.14 31.70 -14.41
C SER B 315 1.40 32.27 -15.02
N MET B 316 1.59 32.03 -16.31
CA MET B 316 2.77 32.52 -17.00
C MET B 316 2.63 33.98 -17.42
N ASP B 317 1.42 34.52 -17.29
CA ASP B 317 1.13 35.88 -17.69
C ASP B 317 2.14 36.94 -17.21
N VAL B 318 2.42 36.98 -15.91
CA VAL B 318 3.36 37.96 -15.38
C VAL B 318 4.77 37.85 -15.98
N PHE B 319 5.17 36.67 -16.41
CA PHE B 319 6.50 36.48 -17.00
C PHE B 319 6.60 36.92 -18.44
N VAL B 320 5.61 36.56 -19.23
CA VAL B 320 5.61 36.92 -20.64
C VAL B 320 5.53 38.44 -20.74
N ARG B 321 4.58 39.01 -20.02
CA ARG B 321 4.39 40.44 -20.02
C ARG B 321 5.67 41.19 -19.68
N LYS B 322 6.31 40.82 -18.58
CA LYS B 322 7.53 41.49 -18.16
C LYS B 322 8.80 41.16 -18.95
N PHE B 323 8.99 39.91 -19.33
CA PHE B 323 10.20 39.55 -20.07
C PHE B 323 10.03 39.33 -21.56
N GLN B 324 8.79 39.21 -22.02
CA GLN B 324 8.55 39.01 -23.44
C GLN B 324 7.47 39.95 -23.95
N PRO B 325 7.57 41.25 -23.62
CA PRO B 325 6.58 42.24 -24.05
C PRO B 325 6.20 42.21 -25.52
N GLU B 326 7.18 41.98 -26.40
CA GLU B 326 6.90 41.96 -27.82
C GLU B 326 5.99 40.82 -28.22
N ARG B 327 5.92 39.78 -27.38
CA ARG B 327 5.11 38.61 -27.69
C ARG B 327 3.84 38.45 -26.87
N TYR B 328 3.72 39.25 -25.82
CA TYR B 328 2.57 39.14 -24.96
C TYR B 328 1.25 39.14 -25.70
N LYS B 329 1.06 40.07 -26.62
CA LYS B 329 -0.20 40.12 -27.36
C LYS B 329 -0.46 38.84 -28.15
N LEU B 330 0.57 38.31 -28.82
CA LEU B 330 0.44 37.08 -29.60
C LEU B 330 0.21 35.87 -28.72
N TRP B 331 0.98 35.81 -27.64
CA TRP B 331 0.87 34.70 -26.70
C TRP B 331 -0.55 34.67 -26.15
N LYS B 332 -1.02 35.82 -25.68
CA LYS B 332 -2.36 35.97 -25.12
C LYS B 332 -3.42 35.55 -26.13
N ALA B 333 -3.07 35.61 -27.40
CA ALA B 333 -3.99 35.23 -28.47
C ALA B 333 -3.82 33.74 -28.79
N GLY B 334 -2.88 33.10 -28.11
CA GLY B 334 -2.64 31.69 -28.35
C GLY B 334 -1.98 31.43 -29.70
N LYS B 335 -1.26 32.42 -30.22
CA LYS B 335 -0.61 32.25 -31.51
C LYS B 335 0.91 32.20 -31.44
N ASP B 336 1.48 32.10 -30.24
CA ASP B 336 2.95 32.05 -30.08
C ASP B 336 3.48 30.66 -30.40
N ASN B 337 4.08 30.53 -31.57
CA ASN B 337 4.62 29.26 -32.03
C ASN B 337 6.13 29.15 -31.85
N THR B 338 6.60 29.58 -30.67
CA THR B 338 8.02 29.51 -30.40
C THR B 338 8.36 28.03 -30.26
N VAL B 339 9.51 27.63 -30.82
CA VAL B 339 9.95 26.25 -30.73
C VAL B 339 11.14 26.22 -29.80
N ILE B 340 11.11 25.30 -28.85
CA ILE B 340 12.19 25.21 -27.89
C ILE B 340 13.40 24.46 -28.41
N ASP B 341 14.58 25.02 -28.15
CA ASP B 341 15.86 24.42 -28.54
C ASP B 341 16.58 24.16 -27.22
N HIS B 342 16.42 22.94 -26.71
CA HIS B 342 17.00 22.50 -25.43
C HIS B 342 18.53 22.56 -25.39
N THR B 343 19.15 23.08 -26.44
CA THR B 343 20.61 23.14 -26.48
C THR B 343 21.20 24.54 -26.31
N LEU B 344 20.57 25.53 -26.95
CA LEU B 344 21.02 26.92 -26.95
C LEU B 344 21.88 27.49 -25.80
N PRO B 345 21.26 27.68 -24.62
CA PRO B 345 21.92 28.21 -23.40
C PRO B 345 23.45 28.27 -23.44
N GLY C 8 -15.84 -4.63 22.75
CA GLY C 8 -15.81 -3.53 21.72
C GLY C 8 -14.92 -3.84 20.53
N GLY C 9 -14.70 -2.83 19.68
CA GLY C 9 -13.89 -3.01 18.49
C GLY C 9 -14.75 -3.05 17.24
N VAL C 10 -14.13 -3.39 16.10
CA VAL C 10 -14.85 -3.48 14.82
C VAL C 10 -14.14 -4.44 13.86
N LYS C 12 -13.27 -4.88 9.74
CA LYS C 12 -12.46 -4.04 8.78
C LYS C 12 -11.04 -4.00 9.37
N THR D 7 -2.52 29.99 -10.74
CA THR D 7 -1.27 30.07 -9.93
C THR D 7 -1.54 29.56 -8.52
N GLY D 8 -1.12 28.34 -8.21
CA GLY D 8 -1.35 27.80 -6.89
C GLY D 8 -0.89 26.37 -6.70
N GLY D 9 -1.52 25.67 -5.76
CA GLY D 9 -1.17 24.28 -5.49
C GLY D 9 -0.09 24.06 -4.45
N VAL D 10 0.46 22.85 -4.43
CA VAL D 10 1.54 22.51 -3.50
C VAL D 10 2.42 21.37 -4.01
N LYS D 12 4.43 17.92 -2.62
CA LYS D 12 3.91 16.65 -2.02
C LYS D 12 2.90 16.13 -3.05
#